data_3IF6
#
_entry.id   3IF6
#
_cell.length_a   123.838
_cell.length_b   123.838
_cell.length_c   327.915
_cell.angle_alpha   90.00
_cell.angle_beta   90.00
_cell.angle_gamma   120.00
#
_symmetry.space_group_name_H-M   'H 3 2'
#
loop_
_entity.id
_entity.type
_entity.pdbx_description
1 polymer 'OXA-46 oxacillinase'
2 polymer 'OXA-46 oxacillinase'
3 polymer 'OXA-46 oxacillinase'
4 non-polymer 'L(+)-TARTARIC ACID'
5 non-polymer 1,2-ETHANEDIOL
6 non-polymer 'HEXAETHYLENE GLYCOL'
7 water water
#
loop_
_entity_poly.entity_id
_entity_poly.type
_entity_poly.pdbx_seq_one_letter_code
_entity_poly.pdbx_strand_id
1 'polypeptide(L)'
;MAIRFFTILLSTFFLTSFVYAQEHVVIRSDWKKFFSDLQAEGAIVIADERQAKHTLSVFDQERAAKRYSPASTFKIPHTL
FALDADAVRDEFQVFRWDGVNRSFAGHNQDQDLRSAMRNSTVWVYELFAKDIGEDKARRYLKQIDYGNVDPSTIKGDYWI
DGNLKISAHEQILFLRKLYRNQLPFKVEHQRLVKDLMITEAGRSWILRAKTGWEGRFGWWVGWIEWPTGPVFFALNIDTP
NRTDDLF(KCX)REAIARAILRSIDALPPN
;
A
2 'polypeptide(L)'
;MAIRFFTILLSTFFLTSFVYAQEHVVIRSDWKKFFSDLQAEGAIVIADERQAKHTLSVFDQERAAKRYSPASTFKIPHTL
FALDADAVRDEFQVFRWDGVNRSFAGHNQDQDLRSAMRNSTVWVYELFAKDIGEDKARRYLKQIDYGNVDPSTIKGDYWI
DGNLKISAHEQILFLRKLYRNQLPFKVEHQRLVKDLMITEAGRSWILRAKTGWEGRFGWWVGWIEWPTGPVFFALNIDTP
NRTDDLFKREAIARAILRSIDALPPN
;
B
3 'polypeptide(L)'
;MAIRFFTILLSTFFLTSFVYAQEHVVIRSDWKKFFSDLQAEGAIVIADERQAKHTLSVFDQERAAKRYSPASTF(KCX)I
PHTLFALDADAVRDEFQVFRWDGVNRSFAGHNQDQDLRSAMRNSTVWVYELFAKDIGEDKARRYLKQIDYGNVDPSTIKG
DYWIDGNLKISAHEQILFLRKLYRNQLPFKVEHQRLVKDLMITEAGRSWILRAKTGWEGRFGWWVGWIEWPTGPVFFALN
IDTPNRTDDLFKREAIARAILRSIDALPPN
;
C
#
# COMPACT_ATOMS: atom_id res chain seq x y z
N VAL A 25 -15.60 38.67 -16.59
CA VAL A 25 -15.50 37.18 -16.52
C VAL A 25 -14.62 36.66 -17.64
N VAL A 26 -13.44 36.16 -17.28
CA VAL A 26 -12.46 35.79 -18.26
C VAL A 26 -12.58 34.30 -18.40
N ILE A 27 -13.00 33.85 -19.58
CA ILE A 27 -13.26 32.42 -19.87
C ILE A 27 -11.97 31.66 -20.19
N ARG A 28 -11.60 30.73 -19.31
CA ARG A 28 -10.26 30.14 -19.36
C ARG A 28 -10.18 28.85 -20.15
N SER A 29 -10.18 28.99 -21.47
CA SER A 29 -9.91 27.83 -22.32
C SER A 29 -8.45 27.40 -22.17
N ASP A 30 -7.62 28.27 -21.61
CA ASP A 30 -6.21 27.93 -21.32
C ASP A 30 -6.01 26.96 -20.12
N TRP A 31 -7.10 26.69 -19.38
CA TRP A 31 -7.06 25.85 -18.16
C TRP A 31 -7.69 24.49 -18.37
N LYS A 32 -8.39 24.29 -19.47
CA LYS A 32 -8.95 22.98 -19.80
C LYS A 32 -7.91 21.87 -19.72
N LYS A 33 -6.76 22.15 -20.27
CA LYS A 33 -5.51 21.35 -20.17
C LYS A 33 -5.25 20.63 -18.80
N PHE A 34 -5.49 21.33 -17.69
CA PHE A 34 -5.22 20.79 -16.36
C PHE A 34 -6.29 19.78 -15.97
N PHE A 35 -7.50 20.02 -16.45
CA PHE A 35 -8.62 19.12 -16.22
C PHE A 35 -8.47 17.85 -16.96
N SER A 36 -8.16 17.96 -18.26
CA SER A 36 -8.11 16.75 -19.12
C SER A 36 -6.84 15.94 -18.91
N ASP A 37 -5.80 16.61 -18.45
CA ASP A 37 -4.55 15.97 -18.07
C ASP A 37 -4.84 14.94 -17.00
N LEU A 38 -5.88 15.16 -16.19
CA LEU A 38 -6.31 14.17 -15.18
C LEU A 38 -7.66 13.50 -15.49
N GLN A 39 -8.10 13.58 -16.74
CA GLN A 39 -9.36 13.00 -17.16
C GLN A 39 -10.59 13.50 -16.42
N ALA A 40 -10.59 14.77 -16.03
CA ALA A 40 -11.57 15.25 -15.11
C ALA A 40 -12.60 16.15 -15.78
N GLU A 41 -13.82 16.09 -15.26
CA GLU A 41 -14.94 16.92 -15.71
C GLU A 41 -15.20 17.81 -14.54
N GLY A 42 -15.05 19.11 -14.72
CA GLY A 42 -15.38 20.02 -13.63
C GLY A 42 -15.39 21.46 -14.07
N ALA A 43 -15.46 22.34 -13.09
CA ALA A 43 -15.41 23.75 -13.32
C ALA A 43 -14.46 24.35 -12.26
N ILE A 44 -14.00 25.58 -12.45
CA ILE A 44 -13.32 26.31 -11.40
C ILE A 44 -13.57 27.82 -11.57
N VAL A 45 -13.71 28.52 -10.45
CA VAL A 45 -13.72 29.96 -10.47
C VAL A 45 -12.54 30.40 -9.64
N ILE A 46 -11.64 31.20 -10.23
CA ILE A 46 -10.70 31.89 -9.39
C ILE A 46 -10.95 33.40 -9.43
N ALA A 47 -10.84 34.07 -8.28
CA ALA A 47 -10.89 35.52 -8.18
C ALA A 47 -9.56 36.03 -7.64
N ASP A 48 -8.78 36.60 -8.55
CA ASP A 48 -7.45 37.11 -8.24
C ASP A 48 -7.52 38.57 -7.80
N GLU A 49 -7.34 38.83 -6.51
CA GLU A 49 -7.39 40.21 -5.99
C GLU A 49 -6.05 40.77 -5.56
N ARG A 50 -4.98 40.40 -6.25
CA ARG A 50 -3.61 40.83 -5.91
C ARG A 50 -3.23 42.16 -6.55
N GLN A 51 -3.95 42.55 -7.62
CA GLN A 51 -3.76 43.87 -8.26
C GLN A 51 -4.90 44.83 -7.91
N ALA A 52 -4.70 46.13 -8.12
CA ALA A 52 -5.75 47.14 -7.85
C ALA A 52 -7.07 46.81 -8.57
N LYS A 53 -6.92 46.25 -9.77
CA LYS A 53 -8.01 45.71 -10.58
C LYS A 53 -8.16 44.19 -10.34
N HIS A 54 -9.38 43.77 -10.03
CA HIS A 54 -9.72 42.37 -9.75
C HIS A 54 -10.24 41.71 -11.03
N THR A 55 -9.74 40.51 -11.32
CA THR A 55 -10.32 39.67 -12.39
C THR A 55 -11.14 38.51 -11.85
N LEU A 56 -11.96 37.93 -12.71
CA LEU A 56 -12.72 36.75 -12.35
C LEU A 56 -12.51 35.81 -13.51
N SER A 57 -11.77 34.73 -13.26
CA SER A 57 -11.49 33.71 -14.25
C SER A 57 -12.36 32.48 -14.00
N VAL A 58 -12.77 31.82 -15.08
CA VAL A 58 -13.72 30.73 -14.99
C VAL A 58 -13.40 29.66 -16.01
N PHE A 59 -13.37 28.41 -15.56
CA PHE A 59 -13.46 27.28 -16.48
C PHE A 59 -14.82 26.58 -16.33
N ASP A 60 -15.51 26.41 -17.47
CA ASP A 60 -16.94 26.07 -17.55
C ASP A 60 -17.84 27.04 -16.81
N GLN A 61 -18.07 28.21 -17.39
CA GLN A 61 -19.03 29.20 -16.82
C GLN A 61 -20.41 28.61 -16.43
N GLU A 62 -20.87 27.67 -17.24
CA GLU A 62 -22.18 27.06 -17.08
C GLU A 62 -22.25 26.16 -15.85
N ARG A 63 -21.29 25.22 -15.74
CA ARG A 63 -21.14 24.36 -14.57
C ARG A 63 -20.73 25.19 -13.35
N ALA A 64 -20.02 26.27 -13.56
CA ALA A 64 -19.66 27.19 -12.52
C ALA A 64 -20.87 27.83 -11.89
N ALA A 65 -21.91 28.02 -12.66
CA ALA A 65 -23.12 28.61 -12.13
C ALA A 65 -24.13 27.60 -11.63
N LYS A 66 -23.86 26.33 -11.82
CA LYS A 66 -24.69 25.26 -11.37
C LYS A 66 -24.54 25.02 -9.89
N ARG A 67 -25.56 24.47 -9.29
CA ARG A 67 -25.55 24.32 -7.86
C ARG A 67 -25.39 22.86 -7.49
N TYR A 68 -24.53 22.63 -6.51
CA TYR A 68 -24.18 21.29 -6.11
C TYR A 68 -24.20 21.33 -4.59
N SER A 69 -24.61 20.22 -3.99
CA SER A 69 -24.48 20.02 -2.56
C SER A 69 -23.03 20.30 -2.12
N PRO A 70 -22.85 21.17 -1.14
CA PRO A 70 -21.55 21.56 -0.64
C PRO A 70 -20.74 20.46 -0.01
N ALA A 71 -21.42 19.53 0.64
CA ALA A 71 -20.83 18.48 1.42
C ALA A 71 -20.01 19.09 2.52
N SER A 72 -18.79 18.63 2.66
CA SER A 72 -17.92 19.12 3.71
C SER A 72 -17.41 20.52 3.60
N THR A 73 -17.58 21.16 2.45
CA THR A 73 -17.26 22.60 2.35
C THR A 73 -18.22 23.40 3.21
N PHE A 74 -19.33 22.77 3.59
CA PHE A 74 -20.34 23.41 4.44
C PHE A 74 -19.85 23.59 5.89
N LYS A 75 -18.73 22.94 6.22
CA LYS A 75 -18.21 23.02 7.55
C LYS A 75 -17.83 24.42 7.85
N ILE A 76 -17.54 25.19 6.81
CA ILE A 76 -17.13 26.60 6.97
C ILE A 76 -18.29 27.52 7.50
N PRO A 77 -19.44 27.60 6.76
CA PRO A 77 -20.60 28.32 7.37
C PRO A 77 -21.16 27.59 8.58
N HIS A 78 -21.19 26.25 8.57
CA HIS A 78 -21.75 25.53 9.71
C HIS A 78 -21.08 25.83 11.05
N THR A 79 -19.77 26.14 11.05
CA THR A 79 -19.02 26.42 12.29
C THR A 79 -19.37 27.81 12.81
N LEU A 80 -19.55 28.75 11.89
CA LEU A 80 -20.09 30.08 12.20
C LEU A 80 -21.48 30.00 12.84
N PHE A 81 -22.36 29.15 12.30
CA PHE A 81 -23.70 28.91 12.88
C PHE A 81 -23.56 28.37 14.31
N ALA A 82 -22.79 27.29 14.46
CA ALA A 82 -22.58 26.61 15.79
C ALA A 82 -21.99 27.53 16.81
N LEU A 83 -21.02 28.33 16.40
CA LEU A 83 -20.43 29.31 17.26
C LEU A 83 -21.45 30.39 17.65
N ASP A 84 -22.12 31.01 16.68
CA ASP A 84 -23.19 31.97 16.94
C ASP A 84 -24.23 31.44 17.97
N ALA A 85 -24.75 30.26 17.68
CA ALA A 85 -25.77 29.61 18.49
C ALA A 85 -25.21 29.04 19.82
N ASP A 86 -23.90 29.21 20.06
CA ASP A 86 -23.20 28.66 21.24
C ASP A 86 -23.46 27.14 21.39
N ALA A 87 -23.72 26.47 20.25
CA ALA A 87 -23.50 25.02 20.14
C ALA A 87 -22.05 24.61 20.44
N VAL A 88 -21.13 25.55 20.21
CA VAL A 88 -19.73 25.41 20.60
C VAL A 88 -19.24 26.78 21.03
N ARG A 89 -18.38 26.79 22.01
CA ARG A 89 -17.93 28.05 22.59
C ARG A 89 -16.65 28.61 21.98
N ASP A 90 -15.73 27.73 21.60
CA ASP A 90 -14.30 27.95 21.81
C ASP A 90 -13.51 27.07 20.84
N GLU A 91 -12.23 27.38 20.61
CA GLU A 91 -11.30 26.37 20.03
C GLU A 91 -10.96 25.29 21.08
N PHE A 92 -11.15 25.63 22.35
CA PHE A 92 -10.74 24.77 23.46
C PHE A 92 -11.77 23.73 23.91
N GLN A 93 -13.05 23.95 23.58
CA GLN A 93 -14.12 23.03 23.95
C GLN A 93 -13.97 21.61 23.36
N VAL A 94 -14.05 20.60 24.22
CA VAL A 94 -13.90 19.16 23.84
C VAL A 94 -15.24 18.42 23.78
N PHE A 95 -15.50 17.72 22.67
CA PHE A 95 -16.67 16.86 22.53
C PHE A 95 -16.25 15.41 22.68
N ARG A 96 -16.96 14.68 23.52
CA ARG A 96 -16.62 13.30 23.83
C ARG A 96 -17.67 12.36 23.27
N TRP A 97 -17.22 11.17 22.84
CA TRP A 97 -18.05 10.07 22.30
C TRP A 97 -17.68 9.75 20.86
N GLN A 109 -10.29 10.16 20.03
CA GLN A 109 -11.77 10.15 20.06
C GLN A 109 -12.47 11.49 20.47
N ASP A 110 -11.83 12.27 21.34
CA ASP A 110 -12.31 13.63 21.69
C ASP A 110 -12.04 14.65 20.57
N GLN A 111 -13.06 15.39 20.18
CA GLN A 111 -12.87 16.37 19.14
C GLN A 111 -12.93 17.78 19.70
N ASP A 112 -11.96 18.59 19.30
CA ASP A 112 -12.14 20.01 19.35
C ASP A 112 -12.55 20.49 17.95
N LEU A 113 -12.78 21.78 17.83
CA LEU A 113 -13.26 22.39 16.61
C LEU A 113 -12.22 22.31 15.51
N ARG A 114 -10.96 22.24 15.89
CA ARG A 114 -9.88 22.09 14.92
C ARG A 114 -9.74 20.69 14.35
N SER A 115 -9.91 19.66 15.17
CA SER A 115 -9.82 18.31 14.66
C SER A 115 -11.04 18.05 13.82
N ALA A 116 -12.18 18.54 14.26
CA ALA A 116 -13.43 18.38 13.53
C ALA A 116 -13.35 19.00 12.14
N MET A 117 -12.77 20.19 12.07
CA MET A 117 -12.54 20.86 10.79
C MET A 117 -11.59 20.02 9.91
N ARG A 118 -10.55 19.45 10.52
CA ARG A 118 -9.49 18.80 9.74
C ARG A 118 -9.82 17.39 9.35
N ASN A 119 -10.80 16.77 9.99
CA ASN A 119 -11.08 15.32 9.73
C ASN A 119 -12.45 15.07 9.10
N SER A 120 -12.78 13.80 8.90
CA SER A 120 -13.96 13.32 8.15
C SER A 120 -15.00 12.68 9.03
N THR A 121 -14.70 12.60 10.32
CA THR A 121 -15.59 12.06 11.35
C THR A 121 -16.83 12.93 11.44
N VAL A 122 -18.00 12.34 11.17
CA VAL A 122 -19.26 13.10 10.96
C VAL A 122 -20.06 13.56 12.19
N TRP A 123 -19.84 12.95 13.37
CA TRP A 123 -20.78 13.13 14.51
C TRP A 123 -20.80 14.52 15.17
N VAL A 124 -19.69 15.26 15.05
CA VAL A 124 -19.58 16.53 15.75
C VAL A 124 -20.47 17.56 15.08
N TYR A 125 -20.47 17.57 13.74
CA TYR A 125 -21.30 18.50 12.96
C TYR A 125 -22.77 18.09 12.96
N GLU A 126 -23.03 16.79 13.01
CA GLU A 126 -24.37 16.28 13.21
C GLU A 126 -24.91 16.74 14.58
N LEU A 127 -24.05 16.72 15.59
CA LEU A 127 -24.41 17.24 16.91
C LEU A 127 -24.84 18.70 16.81
N PHE A 128 -24.01 19.51 16.12
CA PHE A 128 -24.21 20.93 15.94
C PHE A 128 -25.54 21.17 15.26
N ALA A 129 -25.85 20.41 14.20
CA ALA A 129 -27.10 20.57 13.49
C ALA A 129 -28.30 20.37 14.41
N LYS A 130 -28.30 19.28 15.20
CA LYS A 130 -29.40 18.98 16.14
C LYS A 130 -29.62 20.11 17.15
N ASP A 131 -28.54 20.64 17.71
CA ASP A 131 -28.56 21.80 18.61
C ASP A 131 -28.98 23.13 18.02
N ILE A 132 -28.91 23.24 16.71
CA ILE A 132 -29.25 24.46 16.00
C ILE A 132 -30.73 24.32 15.58
N GLY A 133 -31.10 23.12 15.14
CA GLY A 133 -32.44 22.82 14.64
C GLY A 133 -32.63 23.30 13.22
N GLU A 134 -33.69 22.82 12.57
CA GLU A 134 -33.96 23.22 11.17
C GLU A 134 -34.33 24.69 10.98
N ASP A 135 -34.86 25.34 12.01
CA ASP A 135 -35.37 26.69 11.86
C ASP A 135 -34.25 27.72 11.91
N LYS A 136 -33.42 27.66 12.94
CA LYS A 136 -32.22 28.50 13.04
C LYS A 136 -31.29 28.31 11.84
N ALA A 137 -31.07 27.06 11.43
CA ALA A 137 -30.30 26.73 10.22
C ALA A 137 -30.85 27.51 9.02
N ARG A 138 -32.18 27.39 8.83
CA ARG A 138 -32.98 28.04 7.78
C ARG A 138 -32.71 29.53 7.69
N ARG A 139 -32.85 30.18 8.84
CA ARG A 139 -32.66 31.61 9.03
C ARG A 139 -31.20 32.00 8.87
N TYR A 140 -30.30 31.16 9.40
CA TYR A 140 -28.87 31.33 9.23
C TYR A 140 -28.54 31.29 7.73
N LEU A 141 -29.06 30.29 7.02
CA LEU A 141 -28.80 30.16 5.59
C LEU A 141 -29.28 31.33 4.75
N LYS A 142 -30.43 31.92 5.12
CA LYS A 142 -30.98 33.13 4.43
C LYS A 142 -30.21 34.38 4.78
N GLN A 143 -29.83 34.49 6.05
CA GLN A 143 -28.98 35.56 6.55
C GLN A 143 -27.69 35.71 5.76
N ILE A 144 -27.10 34.58 5.36
CA ILE A 144 -25.80 34.59 4.65
C ILE A 144 -26.01 34.32 3.18
N ASP A 145 -27.26 34.09 2.80
CA ASP A 145 -27.60 34.07 1.41
C ASP A 145 -26.79 32.96 0.73
N TYR A 146 -26.75 31.79 1.39
CA TYR A 146 -25.91 30.67 0.97
C TYR A 146 -26.66 29.77 0.00
N GLY A 147 -26.50 30.08 -1.27
CA GLY A 147 -27.11 29.30 -2.36
C GLY A 147 -28.62 29.14 -2.34
N ASN A 148 -29.00 27.89 -2.51
CA ASN A 148 -30.34 27.33 -2.29
C ASN A 148 -31.09 27.90 -1.07
N VAL A 149 -30.32 28.22 -0.02
CA VAL A 149 -30.82 28.57 1.34
C VAL A 149 -31.78 27.55 2.03
N ASP A 150 -31.92 26.34 1.46
CA ASP A 150 -32.90 25.33 1.94
C ASP A 150 -32.30 24.02 2.55
N PRO A 151 -32.39 23.87 3.90
CA PRO A 151 -31.93 22.72 4.71
C PRO A 151 -32.89 21.50 4.88
N SER A 152 -33.58 21.07 3.82
CA SER A 152 -34.62 20.04 4.01
C SER A 152 -34.04 18.62 4.17
N GLY A 156 -30.72 12.54 6.14
CA GLY A 156 -29.87 12.78 7.33
C GLY A 156 -29.28 14.19 7.34
N ASP A 157 -27.96 14.30 7.11
CA ASP A 157 -27.32 15.61 7.05
C ASP A 157 -27.82 16.48 5.85
N TYR A 158 -28.36 17.67 6.08
CA TYR A 158 -28.91 18.49 4.99
C TYR A 158 -27.92 19.02 3.93
N TRP A 159 -26.65 19.10 4.30
CA TRP A 159 -25.58 19.58 3.44
C TRP A 159 -24.90 18.51 2.56
N ILE A 160 -25.25 17.23 2.74
CA ILE A 160 -24.89 16.16 1.80
C ILE A 160 -26.10 15.35 1.34
N ASP A 161 -27.03 15.10 2.25
CA ASP A 161 -28.18 14.21 1.99
C ASP A 161 -29.48 14.99 1.78
N GLY A 162 -29.48 16.26 2.17
CA GLY A 162 -30.62 17.11 1.93
C GLY A 162 -30.57 17.87 0.61
N ASN A 163 -31.29 18.99 0.61
CA ASN A 163 -31.54 19.74 -0.59
C ASN A 163 -30.71 21.03 -0.68
N LEU A 164 -29.82 21.27 0.27
CA LEU A 164 -28.95 22.44 0.17
C LEU A 164 -27.94 22.26 -0.98
N LYS A 165 -27.75 23.33 -1.75
CA LYS A 165 -26.93 23.36 -2.98
C LYS A 165 -26.43 24.78 -3.22
N ILE A 166 -25.20 24.87 -3.67
CA ILE A 166 -24.50 26.14 -3.92
C ILE A 166 -23.63 25.92 -5.14
N SER A 167 -23.28 27.00 -5.83
CA SER A 167 -22.43 26.88 -7.03
C SER A 167 -21.04 27.36 -6.70
N ALA A 168 -20.08 26.99 -7.57
CA ALA A 168 -18.70 27.54 -7.50
C ALA A 168 -18.64 29.06 -7.41
N HIS A 169 -19.43 29.78 -8.20
CA HIS A 169 -19.54 31.25 -8.09
C HIS A 169 -20.08 31.72 -6.71
N GLU A 170 -21.08 31.02 -6.19
CA GLU A 170 -21.64 31.30 -4.89
C GLU A 170 -20.68 30.99 -3.71
N GLN A 171 -19.86 29.95 -3.86
CA GLN A 171 -18.76 29.69 -2.90
C GLN A 171 -17.81 30.88 -2.86
N ILE A 172 -17.47 31.41 -4.04
CA ILE A 172 -16.51 32.51 -4.15
C ILE A 172 -17.01 33.75 -3.46
N LEU A 173 -18.32 34.00 -3.60
CA LEU A 173 -18.92 35.21 -3.04
C LEU A 173 -19.02 35.13 -1.53
N PHE A 174 -19.39 33.96 -1.05
CA PHE A 174 -19.40 33.70 0.37
C PHE A 174 -18.01 33.82 1.00
N LEU A 175 -17.01 33.19 0.38
CA LEU A 175 -15.62 33.18 0.87
C LEU A 175 -15.04 34.57 1.02
N ARG A 176 -15.33 35.40 0.03
CA ARG A 176 -14.88 36.78 0.02
C ARG A 176 -15.55 37.59 1.13
N LYS A 177 -16.82 37.38 1.38
CA LYS A 177 -17.47 38.00 2.54
C LYS A 177 -16.77 37.62 3.86
N LEU A 178 -16.50 36.32 4.05
CA LEU A 178 -15.76 35.83 5.25
C LEU A 178 -14.39 36.46 5.35
N TYR A 179 -13.67 36.50 4.23
CA TYR A 179 -12.39 37.20 4.22
C TYR A 179 -12.47 38.64 4.65
N ARG A 180 -13.47 39.39 4.17
CA ARG A 180 -13.61 40.81 4.55
C ARG A 180 -14.29 41.05 5.91
N ASN A 181 -14.66 39.97 6.60
CA ASN A 181 -15.37 39.99 7.90
C ASN A 181 -16.78 40.63 7.86
N GLN A 182 -17.51 40.36 6.76
CA GLN A 182 -18.80 41.03 6.49
C GLN A 182 -19.96 40.06 6.55
N LEU A 183 -19.75 38.88 7.08
CA LEU A 183 -20.87 38.01 7.33
C LEU A 183 -21.53 38.48 8.61
N PRO A 184 -22.84 38.21 8.78
CA PRO A 184 -23.53 38.61 10.01
C PRO A 184 -23.16 37.74 11.22
N PHE A 185 -21.91 37.80 11.64
CA PHE A 185 -21.41 37.01 12.77
C PHE A 185 -20.39 37.84 13.49
N LYS A 186 -20.16 37.57 14.75
CA LYS A 186 -19.15 38.32 15.44
C LYS A 186 -17.83 38.17 14.66
N VAL A 187 -17.04 39.25 14.63
CA VAL A 187 -15.75 39.26 13.93
C VAL A 187 -14.80 38.17 14.49
N GLU A 188 -14.84 37.97 15.80
CA GLU A 188 -14.08 36.90 16.43
C GLU A 188 -14.44 35.49 15.94
N HIS A 189 -15.72 35.22 15.69
CA HIS A 189 -16.11 33.93 15.16
C HIS A 189 -15.59 33.73 13.71
N GLN A 190 -15.62 34.80 12.92
CA GLN A 190 -15.10 34.82 11.55
C GLN A 190 -13.59 34.58 11.51
N ARG A 191 -12.85 35.32 12.35
CA ARG A 191 -11.42 35.10 12.52
C ARG A 191 -11.13 33.64 12.92
N LEU A 192 -11.85 33.11 13.92
CA LEU A 192 -11.68 31.73 14.36
C LEU A 192 -11.79 30.74 13.21
N VAL A 193 -12.90 30.83 12.49
CA VAL A 193 -13.17 29.94 11.36
C VAL A 193 -12.09 30.09 10.32
N LYS A 194 -11.67 31.32 10.05
CA LYS A 194 -10.57 31.52 9.13
C LYS A 194 -9.25 30.94 9.61
N ASP A 195 -9.07 30.87 10.92
CA ASP A 195 -7.89 30.23 11.49
C ASP A 195 -8.07 28.69 11.37
N LEU A 196 -9.28 28.19 11.52
CA LEU A 196 -9.50 26.73 11.39
C LEU A 196 -9.26 26.16 9.99
N MET A 197 -9.24 27.04 9.00
CA MET A 197 -9.22 26.68 7.61
C MET A 197 -7.79 26.62 7.09
N ILE A 198 -6.82 27.06 7.88
CA ILE A 198 -5.42 26.98 7.48
C ILE A 198 -4.98 25.53 7.23
N THR A 199 -4.58 25.26 5.99
CA THR A 199 -3.96 23.97 5.65
C THR A 199 -2.43 24.10 5.47
N GLU A 200 -1.91 25.33 5.29
CA GLU A 200 -0.53 25.52 4.92
C GLU A 200 -0.15 27.00 4.94
N ALA A 201 1.14 27.30 5.16
CA ALA A 201 1.62 28.73 5.16
C ALA A 201 3.13 28.79 5.08
N GLY A 202 3.64 29.94 4.64
CA GLY A 202 5.06 30.25 4.54
C GLY A 202 5.19 31.66 5.06
N ARG A 203 6.35 32.30 4.90
CA ARG A 203 6.60 33.67 5.40
C ARG A 203 5.61 34.70 4.87
N SER A 204 5.24 34.49 3.62
CA SER A 204 4.56 35.48 2.78
C SER A 204 3.14 35.16 2.48
N TRP A 205 2.72 33.93 2.74
CA TRP A 205 1.48 33.43 2.26
C TRP A 205 0.80 32.48 3.22
N ILE A 206 -0.53 32.52 3.18
CA ILE A 206 -1.38 31.61 3.99
C ILE A 206 -2.42 30.97 3.10
N LEU A 207 -2.47 29.63 3.12
CA LEU A 207 -3.47 28.91 2.39
C LEU A 207 -4.56 28.47 3.35
N ARG A 208 -5.83 28.81 3.07
CA ARG A 208 -6.98 28.50 3.96
C ARG A 208 -8.03 27.82 3.07
N ALA A 209 -8.33 26.54 3.29
CA ALA A 209 -9.04 25.78 2.25
C ALA A 209 -9.83 24.63 2.81
N LYS A 210 -10.80 24.14 2.04
CA LYS A 210 -11.66 23.02 2.48
C LYS A 210 -12.10 22.14 1.32
N THR A 211 -11.96 20.82 1.46
CA THR A 211 -12.50 19.86 0.49
C THR A 211 -13.95 19.46 0.86
N GLY A 212 -14.64 18.83 -0.09
CA GLY A 212 -15.89 18.20 0.11
C GLY A 212 -16.04 17.08 -0.90
N TRP A 213 -16.81 16.06 -0.54
CA TRP A 213 -17.13 15.03 -1.49
C TRP A 213 -18.54 14.53 -1.24
N GLU A 214 -19.33 14.43 -2.31
CA GLU A 214 -20.73 14.01 -2.19
C GLU A 214 -20.85 12.54 -2.55
N GLY A 215 -19.92 12.07 -3.38
CA GLY A 215 -19.96 10.70 -3.81
C GLY A 215 -19.91 10.72 -5.31
N ARG A 216 -20.69 11.62 -5.90
CA ARG A 216 -20.70 11.76 -7.35
C ARG A 216 -19.79 12.91 -7.85
N PHE A 217 -19.51 13.87 -6.97
CA PHE A 217 -18.68 15.05 -7.28
C PHE A 217 -17.97 15.56 -6.00
N GLY A 218 -16.91 16.33 -6.16
CA GLY A 218 -16.21 16.85 -5.02
C GLY A 218 -15.74 18.24 -5.27
N TRP A 219 -15.36 18.93 -4.20
CA TRP A 219 -14.92 20.30 -4.25
C TRP A 219 -13.56 20.50 -3.64
N TRP A 220 -12.97 21.64 -3.96
CA TRP A 220 -11.95 22.24 -3.12
C TRP A 220 -12.18 23.72 -3.26
N VAL A 221 -12.30 24.41 -2.11
CA VAL A 221 -12.51 25.86 -2.10
C VAL A 221 -11.63 26.46 -1.01
N GLY A 222 -11.38 27.77 -1.08
CA GLY A 222 -10.60 28.46 -0.11
C GLY A 222 -9.98 29.67 -0.77
N TRP A 223 -8.90 30.15 -0.20
CA TRP A 223 -8.06 31.15 -0.84
C TRP A 223 -6.64 31.00 -0.32
N ILE A 224 -5.72 31.66 -0.99
CA ILE A 224 -4.36 31.88 -0.54
C ILE A 224 -4.12 33.41 -0.51
N GLU A 225 -3.58 33.91 0.61
CA GLU A 225 -3.28 35.33 0.78
C GLU A 225 -1.84 35.60 0.48
N TRP A 226 -1.56 36.72 -0.20
CA TRP A 226 -0.20 37.12 -0.55
C TRP A 226 -0.11 38.52 -0.04
N PRO A 227 1.09 39.11 0.13
CA PRO A 227 1.10 40.53 0.63
C PRO A 227 0.16 41.56 -0.08
N THR A 228 -0.11 41.33 -1.35
CA THR A 228 -0.90 42.24 -2.16
C THR A 228 -2.39 41.86 -2.25
N GLY A 229 -2.75 40.69 -1.74
CA GLY A 229 -4.15 40.34 -1.67
C GLY A 229 -4.38 38.87 -1.93
N PRO A 230 -5.63 38.42 -1.78
CA PRO A 230 -5.98 37.00 -1.89
C PRO A 230 -6.29 36.55 -3.34
N VAL A 231 -6.28 35.24 -3.53
CA VAL A 231 -6.74 34.59 -4.74
C VAL A 231 -7.70 33.50 -4.30
N PHE A 232 -9.00 33.76 -4.47
CA PHE A 232 -10.04 32.85 -4.10
C PHE A 232 -10.16 31.75 -5.15
N PHE A 233 -10.53 30.53 -4.72
CA PHE A 233 -10.74 29.45 -5.68
C PHE A 233 -11.91 28.58 -5.24
N ALA A 234 -12.61 27.99 -6.22
CA ALA A 234 -13.69 27.05 -5.95
C ALA A 234 -13.81 26.19 -7.17
N LEU A 235 -13.39 24.94 -7.01
CA LEU A 235 -13.39 23.89 -7.99
C LEU A 235 -14.36 22.83 -7.52
N ASN A 236 -15.20 22.30 -8.42
CA ASN A 236 -15.85 21.01 -8.24
C ASN A 236 -15.52 20.17 -9.46
N ILE A 237 -15.62 18.87 -9.32
CA ILE A 237 -15.38 17.94 -10.40
C ILE A 237 -16.25 16.74 -10.11
N ASP A 238 -16.51 15.95 -11.14
CA ASP A 238 -17.24 14.71 -10.94
C ASP A 238 -16.30 13.65 -10.48
N THR A 239 -16.78 12.68 -9.71
CA THR A 239 -15.89 11.63 -9.26
C THR A 239 -16.39 10.22 -9.65
N PRO A 240 -16.43 9.92 -10.97
CA PRO A 240 -16.94 8.60 -11.37
C PRO A 240 -16.15 7.44 -10.81
N ASN A 241 -14.86 7.62 -10.55
CA ASN A 241 -14.01 6.56 -10.01
C ASN A 241 -13.85 6.66 -8.49
N ARG A 242 -14.69 7.48 -7.87
CA ARG A 242 -14.89 7.55 -6.42
C ARG A 242 -13.64 8.02 -5.63
N THR A 243 -13.15 7.23 -4.67
CA THR A 243 -11.96 7.59 -3.91
C THR A 243 -10.70 7.80 -4.77
N ASP A 244 -10.63 7.12 -5.88
CA ASP A 244 -9.50 7.24 -6.81
C ASP A 244 -9.47 8.57 -7.58
N ASP A 245 -10.52 9.37 -7.45
CA ASP A 245 -10.63 10.66 -8.12
C ASP A 245 -10.44 11.83 -7.16
N LEU A 246 -10.51 11.55 -5.87
CA LEU A 246 -10.45 12.56 -4.86
C LEU A 246 -9.17 13.43 -4.88
N PHE A 247 -8.04 12.82 -5.22
CA PHE A 247 -6.82 13.57 -5.26
C PHE A 247 -6.89 14.67 -6.33
N ARG A 249 -9.13 16.82 -6.98
CA ARG A 249 -9.67 18.09 -6.49
C ARG A 249 -8.59 19.13 -6.28
N GLU A 250 -7.70 18.88 -5.31
CA GLU A 250 -6.54 19.74 -5.06
C GLU A 250 -5.52 19.74 -6.17
N ALA A 251 -5.31 18.60 -6.82
CA ALA A 251 -4.29 18.53 -7.86
C ALA A 251 -4.54 19.50 -9.02
N ILE A 252 -5.79 19.51 -9.54
CA ILE A 252 -6.13 20.38 -10.66
C ILE A 252 -6.05 21.84 -10.24
N ALA A 253 -6.67 22.16 -9.10
CA ALA A 253 -6.65 23.52 -8.61
C ALA A 253 -5.24 24.04 -8.40
N ARG A 254 -4.39 23.22 -7.77
CA ARG A 254 -3.00 23.58 -7.56
C ARG A 254 -2.21 23.83 -8.84
N ALA A 255 -2.41 22.99 -9.88
CA ALA A 255 -1.72 23.22 -11.15
C ALA A 255 -2.11 24.57 -11.72
N ILE A 256 -3.41 24.90 -11.65
CA ILE A 256 -3.92 26.16 -12.11
C ILE A 256 -3.31 27.35 -11.36
N LEU A 257 -3.31 27.27 -10.02
CA LEU A 257 -2.76 28.32 -9.16
C LEU A 257 -1.27 28.54 -9.34
N ARG A 258 -0.51 27.46 -9.51
CA ARG A 258 0.91 27.62 -9.89
C ARG A 258 1.03 28.35 -11.26
N SER A 259 0.13 28.04 -12.22
CA SER A 259 0.15 28.67 -13.56
C SER A 259 -0.07 30.17 -13.54
N ILE A 260 -0.72 30.67 -12.50
CA ILE A 260 -0.88 32.11 -12.28
C ILE A 260 -0.06 32.68 -11.12
N ASP A 261 0.94 31.92 -10.68
CA ASP A 261 1.88 32.36 -9.64
C ASP A 261 1.27 32.63 -8.29
N ALA A 262 0.31 31.81 -7.90
CA ALA A 262 -0.44 32.08 -6.68
C ALA A 262 -0.19 30.97 -5.64
N LEU A 263 0.70 30.04 -5.99
CA LEU A 263 1.29 29.06 -5.10
C LEU A 263 2.80 29.11 -5.27
N PRO A 264 3.57 28.78 -4.21
CA PRO A 264 5.02 28.60 -4.38
C PRO A 264 5.39 27.37 -5.23
N PRO A 265 6.48 27.45 -6.02
CA PRO A 265 7.06 26.44 -6.95
C PRO A 265 7.03 24.93 -6.60
N ASN A 266 7.19 24.56 -5.32
CA ASN A 266 7.13 23.12 -4.87
C ASN A 266 8.08 22.80 -3.69
N VAL B 25 -19.11 -24.72 7.42
CA VAL B 25 -19.20 -23.26 7.72
C VAL B 25 -19.52 -22.90 9.19
N VAL B 26 -18.63 -22.18 9.86
CA VAL B 26 -18.87 -21.79 11.24
C VAL B 26 -19.35 -20.33 11.27
N ILE B 27 -20.68 -20.15 11.36
CA ILE B 27 -21.21 -18.83 11.60
C ILE B 27 -20.85 -18.36 13.01
N ARG B 28 -20.14 -17.25 13.07
CA ARG B 28 -19.57 -16.81 14.32
C ARG B 28 -20.20 -15.45 14.73
N SER B 29 -21.50 -15.52 15.01
CA SER B 29 -22.30 -14.48 15.68
C SER B 29 -21.63 -13.75 16.88
N ASP B 30 -20.63 -14.38 17.51
CA ASP B 30 -19.87 -13.76 18.59
C ASP B 30 -18.61 -13.06 18.07
N TRP B 31 -18.49 -12.93 16.76
CA TRP B 31 -17.47 -12.03 16.22
C TRP B 31 -18.10 -10.63 16.12
N LYS B 32 -19.43 -10.61 16.19
CA LYS B 32 -20.22 -9.38 16.25
C LYS B 32 -19.54 -8.28 17.06
N LYS B 33 -18.81 -8.67 18.09
CA LYS B 33 -18.22 -7.75 19.07
C LYS B 33 -16.90 -7.12 18.61
N PHE B 34 -16.14 -7.83 17.81
CA PHE B 34 -14.88 -7.28 17.30
C PHE B 34 -15.13 -6.01 16.46
N PHE B 35 -16.28 -5.97 15.80
CA PHE B 35 -16.69 -4.87 14.97
C PHE B 35 -17.29 -3.75 15.79
N SER B 36 -18.19 -4.11 16.70
CA SER B 36 -18.87 -3.11 17.53
C SER B 36 -17.95 -2.47 18.58
N ASP B 37 -16.82 -3.11 18.87
CA ASP B 37 -15.79 -2.50 19.71
C ASP B 37 -15.10 -1.29 19.05
N LEU B 38 -15.22 -1.19 17.73
CA LEU B 38 -14.72 -0.05 17.02
C LEU B 38 -15.88 0.63 16.29
N GLN B 39 -17.07 0.61 16.90
CA GLN B 39 -18.29 1.17 16.32
C GLN B 39 -18.32 0.94 14.82
N ALA B 40 -18.12 -0.31 14.41
CA ALA B 40 -18.07 -0.63 12.97
C ALA B 40 -19.15 -1.63 12.57
N GLU B 41 -19.60 -1.52 11.33
CA GLU B 41 -20.51 -2.50 10.74
C GLU B 41 -19.78 -3.18 9.58
N GLY B 42 -19.83 -4.51 9.56
CA GLY B 42 -19.48 -5.24 8.36
C GLY B 42 -19.41 -6.74 8.52
N ALA B 43 -18.47 -7.36 7.79
CA ALA B 43 -18.42 -8.80 7.66
C ALA B 43 -16.99 -9.30 7.46
N ILE B 44 -16.71 -10.48 7.99
CA ILE B 44 -15.48 -11.18 7.71
C ILE B 44 -15.77 -12.64 7.34
N VAL B 45 -15.07 -13.17 6.34
CA VAL B 45 -14.91 -14.59 6.14
C VAL B 45 -13.47 -14.95 6.44
N ILE B 46 -13.23 -15.82 7.41
CA ILE B 46 -11.91 -16.45 7.45
C ILE B 46 -11.83 -17.97 7.26
N ALA B 47 -11.15 -18.35 6.17
CA ALA B 47 -10.85 -19.72 5.81
C ALA B 47 -9.52 -20.21 6.40
N ASP B 48 -9.58 -20.82 7.57
CA ASP B 48 -8.40 -21.33 8.23
C ASP B 48 -8.09 -22.75 7.81
N GLU B 49 -6.96 -22.93 7.15
CA GLU B 49 -6.59 -24.22 6.58
C GLU B 49 -5.35 -24.94 7.08
N ARG B 50 -4.79 -24.52 8.19
CA ARG B 50 -3.60 -25.16 8.73
C ARG B 50 -3.79 -26.62 9.15
N GLN B 51 -4.87 -26.88 9.83
CA GLN B 51 -5.24 -28.27 10.20
C GLN B 51 -5.76 -29.09 8.99
N ALA B 52 -5.66 -30.42 9.10
CA ALA B 52 -6.16 -31.34 8.07
C ALA B 52 -7.60 -31.02 7.60
N LYS B 53 -8.45 -30.67 8.57
CA LYS B 53 -9.77 -30.12 8.21
C LYS B 53 -9.81 -28.57 8.17
N HIS B 54 -10.34 -28.09 7.05
CA HIS B 54 -10.51 -26.70 6.71
C HIS B 54 -11.80 -26.15 7.35
N THR B 55 -11.64 -25.23 8.32
CA THR B 55 -12.78 -24.50 8.88
C THR B 55 -13.02 -23.18 8.13
N LEU B 56 -14.27 -22.92 7.77
CA LEU B 56 -14.64 -21.71 7.05
C LEU B 56 -15.55 -20.81 7.88
N SER B 57 -14.98 -20.04 8.81
CA SER B 57 -15.77 -19.13 9.66
C SER B 57 -16.25 -17.80 9.02
N VAL B 58 -17.35 -17.28 9.55
CA VAL B 58 -18.04 -16.11 9.04
C VAL B 58 -18.69 -15.26 10.11
N PHE B 59 -19.12 -14.10 9.70
CA PHE B 59 -19.96 -13.23 10.47
C PHE B 59 -20.88 -12.62 9.46
N ASP B 60 -22.13 -12.41 9.78
CA ASP B 60 -23.01 -11.85 8.82
C ASP B 60 -23.06 -12.58 7.50
N GLN B 61 -23.28 -13.85 7.56
CA GLN B 61 -23.37 -14.66 6.36
C GLN B 61 -24.03 -13.93 5.19
N GLU B 62 -24.98 -13.05 5.49
CA GLU B 62 -25.74 -12.36 4.46
C GLU B 62 -24.86 -11.34 3.78
N ARG B 63 -24.08 -10.63 4.59
CA ARG B 63 -23.21 -9.56 4.12
C ARG B 63 -21.96 -10.15 3.46
N ALA B 64 -21.46 -11.21 4.04
CA ALA B 64 -20.35 -11.96 3.52
C ALA B 64 -20.71 -12.44 2.13
N ALA B 65 -21.96 -12.78 1.89
CA ALA B 65 -22.43 -13.12 0.57
C ALA B 65 -22.75 -11.96 -0.36
N LYS B 66 -22.82 -10.75 0.15
CA LYS B 66 -23.14 -9.62 -0.71
C LYS B 66 -21.91 -9.01 -1.46
N ARG B 67 -22.16 -8.59 -2.68
CA ARG B 67 -21.16 -8.07 -3.57
C ARG B 67 -20.96 -6.56 -3.45
N TYR B 68 -19.69 -6.22 -3.23
CA TYR B 68 -19.18 -4.85 -3.20
C TYR B 68 -18.14 -4.62 -4.32
N SER B 69 -18.01 -3.37 -4.74
CA SER B 69 -16.91 -2.99 -5.59
C SER B 69 -15.58 -3.34 -4.92
N PRO B 70 -14.68 -4.04 -5.58
CA PRO B 70 -13.39 -4.43 -5.02
C PRO B 70 -12.45 -3.27 -4.70
N ALA B 71 -12.51 -2.26 -5.52
CA ALA B 71 -11.63 -1.13 -5.46
C ALA B 71 -10.19 -1.57 -5.65
N SER B 72 -9.29 -1.20 -4.77
CA SER B 72 -7.89 -1.54 -4.92
C SER B 72 -7.57 -2.99 -4.64
N THR B 73 -8.50 -3.74 -4.12
CA THR B 73 -8.33 -5.22 -4.03
C THR B 73 -8.29 -5.88 -5.42
N PHE B 74 -8.76 -5.18 -6.45
CA PHE B 74 -8.73 -5.63 -7.84
C PHE B 74 -7.32 -5.51 -8.49
N LYS B 75 -6.37 -4.94 -7.74
CA LYS B 75 -4.95 -4.83 -8.20
C LYS B 75 -4.35 -6.21 -8.27
N ILE B 76 -4.82 -7.12 -7.42
CA ILE B 76 -4.41 -8.55 -7.52
C ILE B 76 -4.76 -9.22 -8.88
N PRO B 77 -6.06 -9.42 -9.20
CA PRO B 77 -6.31 -9.95 -10.57
C PRO B 77 -5.80 -9.01 -11.69
N HIS B 78 -5.92 -7.70 -11.49
CA HIS B 78 -5.53 -6.75 -12.51
C HIS B 78 -4.08 -6.91 -12.96
N THR B 79 -3.18 -7.22 -12.02
CA THR B 79 -1.76 -7.33 -12.30
C THR B 79 -1.45 -8.58 -13.14
N LEU B 80 -2.10 -9.69 -12.77
CA LEU B 80 -2.16 -10.89 -13.61
C LEU B 80 -2.66 -10.59 -15.06
N PHE B 81 -3.77 -9.86 -15.22
CA PHE B 81 -4.26 -9.48 -16.56
C PHE B 81 -3.17 -8.74 -17.32
N ALA B 82 -2.61 -7.70 -16.67
CA ALA B 82 -1.55 -6.85 -17.24
C ALA B 82 -0.27 -7.63 -17.60
N LEU B 83 0.23 -8.46 -16.67
CA LEU B 83 1.35 -9.37 -16.96
C LEU B 83 1.03 -10.31 -18.14
N ASP B 84 -0.13 -10.96 -18.06
CA ASP B 84 -0.58 -11.84 -19.12
C ASP B 84 -0.67 -11.17 -20.51
N ALA B 85 -1.22 -9.96 -20.54
CA ALA B 85 -1.42 -9.18 -21.76
C ALA B 85 -0.18 -8.41 -22.18
N ASP B 86 0.92 -8.63 -21.46
CA ASP B 86 2.17 -7.86 -21.63
C ASP B 86 1.93 -6.35 -21.69
N ALA B 87 0.97 -5.89 -20.90
CA ALA B 87 0.82 -4.48 -20.59
C ALA B 87 1.89 -4.06 -19.57
N VAL B 88 2.44 -5.02 -18.83
CA VAL B 88 3.68 -4.89 -18.06
C VAL B 88 4.54 -6.14 -18.28
N ARG B 89 5.85 -5.93 -18.27
CA ARG B 89 6.80 -6.98 -18.62
C ARG B 89 7.24 -7.80 -17.39
N ASP B 90 7.61 -7.09 -16.33
CA ASP B 90 8.01 -7.73 -15.09
C ASP B 90 8.07 -6.67 -14.01
N GLU B 91 8.66 -7.03 -12.87
CA GLU B 91 8.70 -6.19 -11.70
C GLU B 91 9.69 -5.04 -11.82
N PHE B 92 10.50 -5.08 -12.88
CA PHE B 92 11.50 -4.02 -13.09
C PHE B 92 11.06 -2.97 -14.10
N GLN B 93 10.03 -3.24 -14.89
CA GLN B 93 9.58 -2.22 -15.84
C GLN B 93 9.24 -0.95 -15.07
N VAL B 94 9.65 0.21 -15.59
CA VAL B 94 9.49 1.50 -14.94
C VAL B 94 8.37 2.29 -15.62
N PHE B 95 7.45 2.80 -14.80
CA PHE B 95 6.41 3.71 -15.23
C PHE B 95 6.60 5.09 -14.64
N ARG B 96 6.64 6.10 -15.49
CA ARG B 96 7.02 7.45 -15.08
C ARG B 96 6.00 8.42 -15.65
N TRP B 97 5.27 9.09 -14.76
CA TRP B 97 4.30 10.11 -15.12
C TRP B 97 4.93 11.08 -16.11
N ASP B 98 4.24 11.36 -17.20
CA ASP B 98 4.68 12.46 -18.06
C ASP B 98 3.46 13.31 -18.45
N GLY B 99 2.69 13.72 -17.44
CA GLY B 99 1.61 14.63 -17.68
C GLY B 99 2.04 15.95 -17.12
N VAL B 100 1.07 16.84 -17.03
CA VAL B 100 1.30 18.25 -16.71
C VAL B 100 1.42 18.41 -15.20
N ASN B 101 0.58 17.68 -14.49
CA ASN B 101 0.36 17.86 -13.05
C ASN B 101 1.56 17.47 -12.21
N ARG B 102 1.82 18.31 -11.20
CA ARG B 102 2.96 18.16 -10.28
C ARG B 102 2.49 18.17 -8.81
N SER B 103 1.24 17.78 -8.58
CA SER B 103 0.56 18.12 -7.32
C SER B 103 -0.23 16.94 -6.77
N PHE B 104 0.30 15.73 -6.99
CA PHE B 104 -0.23 14.53 -6.38
C PHE B 104 0.95 13.71 -5.96
N ALA B 105 0.73 12.85 -4.98
CA ALA B 105 1.77 12.09 -4.35
C ALA B 105 2.45 11.11 -5.32
N GLY B 106 3.78 11.11 -5.32
CA GLY B 106 4.60 10.19 -6.13
C GLY B 106 4.76 10.54 -7.61
N HIS B 107 4.32 11.73 -8.03
CA HIS B 107 4.31 12.17 -9.44
C HIS B 107 5.71 12.26 -10.05
N ASN B 108 6.66 12.59 -9.19
CA ASN B 108 8.06 12.80 -9.55
C ASN B 108 8.94 11.60 -9.22
N GLN B 109 8.35 10.43 -9.07
CA GLN B 109 9.09 9.21 -8.79
C GLN B 109 8.72 8.12 -9.78
N ASP B 110 9.73 7.31 -10.11
CA ASP B 110 9.64 6.09 -10.88
C ASP B 110 8.68 5.14 -10.16
N GLN B 111 7.77 4.55 -10.91
CA GLN B 111 6.85 3.56 -10.38
C GLN B 111 7.19 2.24 -11.02
N ASP B 112 6.96 1.18 -10.28
CA ASP B 112 7.08 -0.15 -10.82
C ASP B 112 5.91 -0.88 -10.19
N LEU B 113 5.76 -2.14 -10.53
CA LEU B 113 4.71 -3.02 -10.02
C LEU B 113 4.55 -3.01 -8.51
N ARG B 114 5.66 -2.87 -7.79
CA ARG B 114 5.71 -2.88 -6.34
C ARG B 114 5.18 -1.64 -5.66
N SER B 115 5.67 -0.46 -6.06
CA SER B 115 5.18 0.82 -5.55
C SER B 115 3.69 1.02 -5.90
N ALA B 116 3.33 0.60 -7.13
CA ALA B 116 1.96 0.59 -7.66
C ALA B 116 0.96 -0.26 -6.85
N MET B 117 1.45 -1.40 -6.33
CA MET B 117 0.65 -2.32 -5.54
C MET B 117 0.48 -1.78 -4.15
N ARG B 118 1.51 -1.08 -3.68
CA ARG B 118 1.62 -0.65 -2.29
C ARG B 118 0.87 0.64 -2.02
N ASN B 119 0.99 1.58 -2.96
CA ASN B 119 0.47 2.92 -2.83
C ASN B 119 -0.69 3.13 -3.80
N SER B 120 -1.51 4.12 -3.51
CA SER B 120 -2.39 4.67 -4.55
C SER B 120 -1.57 5.04 -5.80
N THR B 121 -1.95 4.51 -6.96
CA THR B 121 -1.22 4.77 -8.20
C THR B 121 -2.19 4.70 -9.38
N VAL B 122 -3.16 5.62 -9.44
CA VAL B 122 -4.29 5.34 -10.33
C VAL B 122 -3.97 5.24 -11.85
N TRP B 123 -3.16 6.18 -12.36
CA TRP B 123 -2.80 6.18 -13.77
C TRP B 123 -2.15 4.91 -14.32
N VAL B 124 -1.37 4.20 -13.50
CA VAL B 124 -0.72 2.96 -13.93
C VAL B 124 -1.76 1.87 -14.26
N TYR B 125 -2.70 1.67 -13.35
CA TYR B 125 -3.67 0.59 -13.51
C TYR B 125 -4.71 0.97 -14.54
N GLU B 126 -4.86 2.27 -14.78
CA GLU B 126 -5.70 2.79 -15.84
C GLU B 126 -5.05 2.59 -17.21
N LEU B 127 -3.74 2.85 -17.30
CA LEU B 127 -2.97 2.48 -18.50
C LEU B 127 -2.93 0.96 -18.77
N PHE B 128 -2.89 0.13 -17.72
CA PHE B 128 -2.98 -1.33 -17.91
C PHE B 128 -4.33 -1.63 -18.56
N ALA B 129 -5.40 -1.01 -18.02
CA ALA B 129 -6.76 -1.20 -18.48
C ALA B 129 -6.89 -0.83 -19.96
N LYS B 130 -6.30 0.31 -20.34
CA LYS B 130 -6.16 0.76 -21.73
C LYS B 130 -5.59 -0.36 -22.64
N ASP B 131 -4.38 -0.84 -22.33
CA ASP B 131 -3.67 -1.80 -23.15
C ASP B 131 -4.32 -3.18 -23.22
N ILE B 132 -4.85 -3.63 -22.09
CA ILE B 132 -5.62 -4.86 -22.04
C ILE B 132 -6.87 -4.76 -22.93
N GLY B 133 -7.53 -3.59 -22.91
CA GLY B 133 -8.75 -3.36 -23.67
C GLY B 133 -9.94 -4.13 -23.15
N GLU B 134 -11.13 -3.67 -23.54
CA GLU B 134 -12.39 -4.27 -23.09
C GLU B 134 -12.49 -5.78 -23.31
N ASP B 135 -12.23 -6.24 -24.54
CA ASP B 135 -12.55 -7.62 -24.92
C ASP B 135 -11.72 -8.65 -24.14
N LYS B 136 -10.43 -8.37 -23.95
CA LYS B 136 -9.57 -9.28 -23.18
C LYS B 136 -9.93 -9.25 -21.71
N ALA B 137 -10.27 -8.05 -21.21
CA ALA B 137 -10.65 -7.86 -19.82
C ALA B 137 -11.90 -8.66 -19.45
N ARG B 138 -12.91 -8.58 -20.33
CA ARG B 138 -14.14 -9.36 -20.20
C ARG B 138 -13.85 -10.85 -20.21
N ARG B 139 -12.96 -11.25 -21.10
CA ARG B 139 -12.55 -12.65 -21.27
C ARG B 139 -11.85 -13.19 -20.01
N TYR B 140 -10.92 -12.40 -19.49
CA TYR B 140 -10.21 -12.67 -18.24
C TYR B 140 -11.10 -12.83 -17.01
N LEU B 141 -12.08 -11.94 -16.81
CA LEU B 141 -12.99 -11.99 -15.68
C LEU B 141 -13.86 -13.25 -15.71
N LYS B 142 -14.17 -13.66 -16.95
CA LYS B 142 -14.87 -14.91 -17.22
C LYS B 142 -14.02 -16.08 -16.79
N GLN B 143 -12.79 -16.13 -17.31
CA GLN B 143 -11.83 -17.18 -16.96
C GLN B 143 -11.54 -17.29 -15.46
N ILE B 144 -11.50 -16.17 -14.75
CA ILE B 144 -11.21 -16.22 -13.30
C ILE B 144 -12.48 -16.21 -12.45
N ASP B 145 -13.64 -15.98 -13.07
CA ASP B 145 -14.94 -16.04 -12.40
C ASP B 145 -15.02 -15.17 -11.13
N TYR B 146 -14.34 -14.05 -11.18
CA TYR B 146 -14.29 -13.07 -10.12
C TYR B 146 -15.63 -12.41 -9.81
N GLY B 147 -16.26 -12.14 -10.88
CA GLY B 147 -17.39 -11.31 -11.02
C GLY B 147 -18.78 -11.67 -10.60
N ASN B 148 -19.51 -10.60 -10.60
CA ASN B 148 -20.83 -10.55 -11.05
C ASN B 148 -20.44 -10.96 -12.47
N VAL B 149 -19.30 -10.44 -12.86
CA VAL B 149 -18.31 -10.94 -13.80
C VAL B 149 -18.70 -10.53 -15.13
N ASP B 150 -19.79 -9.81 -15.18
CA ASP B 150 -20.20 -9.13 -16.36
C ASP B 150 -20.56 -7.82 -15.85
N PRO B 151 -20.04 -6.81 -16.46
CA PRO B 151 -20.37 -5.49 -15.99
C PRO B 151 -21.12 -4.94 -17.11
N SER B 152 -22.08 -4.11 -16.83
CA SER B 152 -22.79 -3.53 -17.90
C SER B 152 -21.80 -2.71 -18.73
N THR B 153 -20.88 -1.99 -18.12
CA THR B 153 -19.89 -1.31 -18.94
C THR B 153 -18.49 -1.51 -18.40
N ILE B 154 -17.48 -1.26 -19.21
CA ILE B 154 -16.08 -1.54 -18.84
C ILE B 154 -15.08 -0.57 -19.46
N LYS B 155 -15.60 0.48 -20.11
CA LYS B 155 -14.77 1.50 -20.74
C LYS B 155 -14.08 2.39 -19.70
N GLY B 156 -14.66 2.45 -18.49
CA GLY B 156 -14.07 3.21 -17.36
C GLY B 156 -13.38 2.32 -16.31
N ASP B 157 -13.13 2.89 -15.12
CA ASP B 157 -12.45 2.17 -14.03
C ASP B 157 -13.43 1.17 -13.39
N TYR B 158 -13.63 0.03 -14.05
CA TYR B 158 -14.73 -0.87 -13.70
C TYR B 158 -14.65 -1.52 -12.30
N TRP B 159 -13.45 -1.51 -11.74
CA TRP B 159 -13.16 -2.12 -10.46
C TRP B 159 -13.52 -1.20 -9.26
N ILE B 160 -13.80 0.07 -9.49
CA ILE B 160 -14.21 1.01 -8.44
C ILE B 160 -15.51 1.83 -8.76
N ASP B 161 -15.89 1.89 -10.03
CA ASP B 161 -17.03 2.75 -10.46
C ASP B 161 -18.42 2.09 -10.30
N GLY B 162 -18.44 0.83 -9.88
CA GLY B 162 -19.67 0.11 -9.59
C GLY B 162 -19.91 -1.02 -10.56
N ASN B 163 -19.30 -0.96 -11.74
CA ASN B 163 -19.58 -1.97 -12.73
C ASN B 163 -19.18 -3.38 -12.33
N LEU B 164 -18.18 -3.50 -11.45
CA LEU B 164 -17.72 -4.82 -11.06
C LEU B 164 -17.85 -4.92 -9.58
N LYS B 165 -18.42 -6.03 -9.13
CA LYS B 165 -18.67 -6.21 -7.70
C LYS B 165 -18.32 -7.64 -7.38
N ILE B 166 -17.84 -7.83 -6.17
CA ILE B 166 -17.43 -9.15 -5.71
C ILE B 166 -17.73 -9.20 -4.21
N SER B 167 -17.81 -10.40 -3.65
CA SER B 167 -18.22 -10.55 -2.28
C SER B 167 -17.11 -11.12 -1.45
N ALA B 168 -17.29 -11.08 -0.13
CA ALA B 168 -16.27 -11.54 0.80
C ALA B 168 -15.97 -13.01 0.56
N HIS B 169 -16.98 -13.88 0.55
CA HIS B 169 -16.76 -15.31 0.25
C HIS B 169 -16.07 -15.51 -1.08
N GLU B 170 -16.43 -14.69 -2.05
CA GLU B 170 -15.86 -14.77 -3.37
C GLU B 170 -14.38 -14.34 -3.38
N GLN B 171 -14.01 -13.38 -2.50
CA GLN B 171 -12.62 -12.94 -2.33
C GLN B 171 -11.83 -14.14 -1.86
N ILE B 172 -12.43 -14.92 -0.98
CA ILE B 172 -11.75 -16.11 -0.43
C ILE B 172 -11.44 -17.18 -1.49
N LEU B 173 -12.44 -17.48 -2.32
CA LEU B 173 -12.32 -18.40 -3.44
C LEU B 173 -11.18 -18.00 -4.37
N PHE B 174 -11.24 -16.77 -4.91
CA PHE B 174 -10.22 -16.24 -5.83
C PHE B 174 -8.82 -16.36 -5.25
N LEU B 175 -8.68 -16.01 -3.98
CA LEU B 175 -7.38 -15.97 -3.32
C LEU B 175 -6.84 -17.35 -3.11
N ARG B 176 -7.72 -18.28 -2.73
CA ARG B 176 -7.33 -19.69 -2.56
C ARG B 176 -6.80 -20.33 -3.86
N LYS B 177 -7.45 -20.03 -4.98
CA LYS B 177 -6.93 -20.41 -6.30
C LYS B 177 -5.51 -19.85 -6.50
N LEU B 178 -5.34 -18.57 -6.24
CA LEU B 178 -4.07 -17.86 -6.43
C LEU B 178 -2.94 -18.50 -5.63
N TYR B 179 -3.19 -18.70 -4.35
CA TYR B 179 -2.31 -19.43 -3.47
C TYR B 179 -1.85 -20.81 -3.99
N ARG B 180 -2.77 -21.56 -4.61
CA ARG B 180 -2.47 -22.93 -5.05
C ARG B 180 -2.00 -22.99 -6.52
N ASN B 181 -1.76 -21.82 -7.10
CA ASN B 181 -1.28 -21.65 -8.48
C ASN B 181 -2.28 -22.14 -9.52
N GLN B 182 -3.53 -22.27 -9.07
CA GLN B 182 -4.64 -22.81 -9.84
C GLN B 182 -5.25 -21.86 -10.89
N LEU B 183 -4.87 -20.58 -10.90
CA LEU B 183 -5.47 -19.63 -11.83
C LEU B 183 -4.97 -19.77 -13.28
N PRO B 184 -5.80 -19.38 -14.27
CA PRO B 184 -5.39 -19.55 -15.69
C PRO B 184 -4.25 -18.63 -16.17
N PHE B 185 -3.23 -18.45 -15.33
CA PHE B 185 -2.10 -17.58 -15.73
C PHE B 185 -0.78 -18.33 -15.63
N LYS B 186 0.27 -17.80 -16.26
CA LYS B 186 1.61 -18.36 -16.07
C LYS B 186 1.85 -18.47 -14.56
N VAL B 187 2.50 -19.53 -14.11
CA VAL B 187 2.82 -19.72 -12.68
C VAL B 187 3.72 -18.58 -12.17
N GLU B 188 4.63 -18.10 -13.02
CA GLU B 188 5.57 -17.03 -12.64
C GLU B 188 4.79 -15.75 -12.38
N HIS B 189 3.76 -15.53 -13.16
CA HIS B 189 2.89 -14.36 -12.99
C HIS B 189 2.12 -14.42 -11.67
N GLN B 190 1.63 -15.60 -11.33
CA GLN B 190 0.95 -15.85 -10.07
C GLN B 190 1.93 -15.68 -8.90
N ARG B 191 3.17 -16.15 -9.07
CA ARG B 191 4.19 -16.05 -8.02
C ARG B 191 4.61 -14.61 -7.81
N LEU B 192 4.68 -13.87 -8.91
CA LEU B 192 5.06 -12.45 -8.89
C LEU B 192 4.00 -11.66 -8.11
N VAL B 193 2.73 -11.86 -8.47
CA VAL B 193 1.61 -11.16 -7.82
C VAL B 193 1.53 -11.46 -6.32
N LYS B 194 1.72 -12.72 -5.92
CA LYS B 194 1.76 -13.08 -4.46
C LYS B 194 2.97 -12.50 -3.74
N ASP B 195 3.99 -12.13 -4.49
CA ASP B 195 5.15 -11.48 -3.88
C ASP B 195 4.85 -10.01 -3.64
N LEU B 196 4.18 -9.42 -4.61
CA LEU B 196 3.76 -8.05 -4.55
C LEU B 196 2.80 -7.79 -3.42
N MET B 197 2.07 -8.82 -2.99
CA MET B 197 1.12 -8.74 -1.87
C MET B 197 1.71 -8.72 -0.49
N ILE B 198 3.00 -9.03 -0.36
CA ILE B 198 3.63 -9.07 0.97
C ILE B 198 3.55 -7.71 1.66
N THR B 199 2.89 -7.68 2.82
CA THR B 199 2.89 -6.48 3.61
C THR B 199 3.74 -6.64 4.87
N GLU B 200 4.01 -7.88 5.25
CA GLU B 200 4.69 -8.16 6.53
C GLU B 200 5.06 -9.60 6.53
N ALA B 201 6.12 -9.95 7.28
CA ALA B 201 6.57 -11.33 7.44
C ALA B 201 7.46 -11.46 8.66
N GLY B 202 7.52 -12.69 9.19
CA GLY B 202 8.45 -13.05 10.28
C GLY B 202 9.18 -14.31 9.88
N ARG B 203 9.88 -14.91 10.83
CA ARG B 203 10.61 -16.19 10.57
C ARG B 203 9.69 -17.29 10.08
N SER B 204 8.48 -17.34 10.64
CA SER B 204 7.55 -18.45 10.50
C SER B 204 6.26 -18.15 9.76
N TRP B 205 6.03 -16.87 9.47
CA TRP B 205 4.80 -16.46 8.77
C TRP B 205 5.00 -15.43 7.67
N ILE B 206 4.21 -15.55 6.62
CA ILE B 206 4.13 -14.48 5.62
C ILE B 206 2.72 -13.95 5.43
N LEU B 207 2.55 -12.66 5.74
CA LEU B 207 1.32 -11.88 5.51
C LEU B 207 1.23 -11.27 4.10
N ARG B 208 0.28 -11.74 3.31
CA ARG B 208 0.01 -11.28 1.93
C ARG B 208 -1.42 -10.71 1.80
N ALA B 209 -1.55 -9.38 1.66
CA ALA B 209 -2.82 -8.68 1.77
C ALA B 209 -2.85 -7.40 0.95
N LYS B 210 -4.08 -6.90 0.70
CA LYS B 210 -4.38 -5.66 0.01
C LYS B 210 -5.61 -4.99 0.66
N THR B 211 -5.47 -3.70 1.01
CA THR B 211 -6.54 -2.94 1.59
C THR B 211 -7.39 -2.40 0.44
N GLY B 212 -8.64 -2.09 0.71
CA GLY B 212 -9.55 -1.56 -0.32
C GLY B 212 -10.37 -0.42 0.27
N TRP B 213 -10.69 0.60 -0.53
CA TRP B 213 -11.58 1.68 -0.05
C TRP B 213 -12.30 2.30 -1.22
N GLU B 214 -13.62 2.08 -1.22
CA GLU B 214 -14.53 2.50 -2.28
C GLU B 214 -15.05 3.92 -1.98
N GLY B 215 -15.05 4.31 -0.71
CA GLY B 215 -15.73 5.53 -0.27
C GLY B 215 -16.74 5.23 0.81
N ARG B 216 -17.75 4.43 0.48
CA ARG B 216 -18.81 4.07 1.48
C ARG B 216 -18.40 2.88 2.31
N PHE B 217 -17.47 2.07 1.79
CA PHE B 217 -16.98 0.88 2.49
C PHE B 217 -15.52 0.59 2.13
N GLY B 218 -14.87 -0.21 2.96
CA GLY B 218 -13.50 -0.62 2.73
C GLY B 218 -13.25 -2.10 2.93
N TRP B 219 -12.18 -2.61 2.32
CA TRP B 219 -11.77 -4.01 2.47
C TRP B 219 -10.38 -4.15 3.09
N TRP B 220 -10.13 -5.30 3.70
CA TRP B 220 -8.82 -5.87 3.86
C TRP B 220 -8.93 -7.36 3.49
N VAL B 221 -8.29 -7.75 2.40
CA VAL B 221 -8.33 -9.17 1.96
C VAL B 221 -6.93 -9.75 1.80
N GLY B 222 -6.78 -11.03 2.06
CA GLY B 222 -5.53 -11.75 1.78
C GLY B 222 -5.38 -13.02 2.61
N TRP B 223 -4.14 -13.31 3.02
CA TRP B 223 -3.86 -14.41 3.94
C TRP B 223 -2.52 -14.30 4.66
N ILE B 224 -2.43 -15.02 5.77
CA ILE B 224 -1.22 -15.22 6.52
C ILE B 224 -0.82 -16.72 6.46
N GLU B 225 0.37 -17.01 5.92
CA GLU B 225 0.94 -18.37 5.88
C GLU B 225 1.79 -18.67 7.12
N TRP B 226 1.62 -19.89 7.65
CA TRP B 226 2.42 -20.44 8.73
C TRP B 226 2.92 -21.79 8.24
N PRO B 227 3.81 -22.46 9.01
CA PRO B 227 4.41 -23.75 8.59
C PRO B 227 3.38 -24.85 8.21
N THR B 228 2.22 -24.82 8.85
CA THR B 228 1.13 -25.81 8.70
C THR B 228 0.12 -25.51 7.59
N GLY B 229 0.01 -24.23 7.21
CA GLY B 229 -0.88 -23.85 6.12
C GLY B 229 -1.38 -22.41 6.21
N PRO B 230 -2.23 -22.03 5.23
CA PRO B 230 -2.72 -20.66 5.18
C PRO B 230 -3.97 -20.40 6.03
N VAL B 231 -4.10 -19.16 6.48
CA VAL B 231 -5.36 -18.61 6.97
C VAL B 231 -5.77 -17.48 6.02
N PHE B 232 -6.73 -17.74 5.14
CA PHE B 232 -7.30 -16.68 4.29
C PHE B 232 -8.20 -15.77 5.12
N PHE B 233 -8.38 -14.53 4.66
CA PHE B 233 -9.31 -13.56 5.29
C PHE B 233 -9.86 -12.60 4.24
N ALA B 234 -11.06 -12.12 4.49
CA ALA B 234 -11.72 -11.17 3.64
C ALA B 234 -12.75 -10.49 4.53
N LEU B 235 -12.44 -9.23 4.86
CA LEU B 235 -13.26 -8.37 5.69
C LEU B 235 -13.74 -7.22 4.81
N ASN B 236 -15.00 -6.79 5.02
CA ASN B 236 -15.42 -5.45 4.64
C ASN B 236 -16.18 -4.69 5.74
N ILE B 237 -16.17 -3.38 5.65
CA ILE B 237 -16.84 -2.56 6.64
C ILE B 237 -17.34 -1.31 5.92
N ASP B 238 -18.48 -0.80 6.39
CA ASP B 238 -18.92 0.54 6.01
C ASP B 238 -17.93 1.57 6.59
N THR B 239 -17.79 2.69 5.89
CA THR B 239 -16.90 3.73 6.36
C THR B 239 -17.60 5.09 6.32
N PRO B 240 -18.46 5.39 7.32
CA PRO B 240 -19.16 6.65 7.31
C PRO B 240 -18.24 7.81 7.68
N ASN B 241 -17.15 7.52 8.37
CA ASN B 241 -16.15 8.50 8.74
C ASN B 241 -15.02 8.55 7.73
N ARG B 242 -15.19 7.80 6.67
CA ARG B 242 -14.33 7.87 5.55
C ARG B 242 -12.90 7.55 5.95
N THR B 243 -11.97 8.44 5.69
CA THR B 243 -10.56 8.20 5.95
C THR B 243 -10.31 7.90 7.41
N ASP B 244 -11.08 8.47 8.30
CA ASP B 244 -11.01 8.19 9.74
C ASP B 244 -11.42 6.79 10.17
N ASP B 245 -12.24 6.10 9.36
CA ASP B 245 -12.56 4.71 9.64
C ASP B 245 -11.54 3.69 9.15
N LEU B 246 -10.58 4.14 8.35
CA LEU B 246 -9.80 3.24 7.51
C LEU B 246 -8.91 2.31 8.32
N PHE B 247 -8.43 2.79 9.48
CA PHE B 247 -7.61 1.98 10.37
C PHE B 247 -8.33 0.73 10.90
N LYS B 248 -9.66 0.73 10.85
CA LYS B 248 -10.47 -0.37 11.38
C LYS B 248 -10.46 -1.59 10.44
N ARG B 249 -10.14 -1.39 9.18
CA ARG B 249 -10.10 -2.53 8.30
C ARG B 249 -9.11 -3.54 8.86
N GLU B 250 -7.84 -3.13 8.97
CA GLU B 250 -6.79 -4.01 9.52
C GLU B 250 -6.96 -4.27 11.00
N ALA B 251 -7.57 -3.34 11.73
CA ALA B 251 -7.56 -3.49 13.18
C ALA B 251 -8.55 -4.55 13.67
N ILE B 252 -9.72 -4.62 13.02
CA ILE B 252 -10.71 -5.64 13.33
C ILE B 252 -10.24 -7.05 12.92
N ALA B 253 -9.81 -7.22 11.67
CA ALA B 253 -9.40 -8.51 11.16
C ALA B 253 -8.19 -9.06 11.90
N ARG B 254 -7.26 -8.19 12.26
CA ARG B 254 -6.07 -8.60 13.01
C ARG B 254 -6.42 -9.09 14.38
N ALA B 255 -7.35 -8.42 15.06
CA ALA B 255 -7.82 -8.88 16.38
C ALA B 255 -8.48 -10.27 16.29
N ILE B 256 -9.29 -10.48 15.27
CA ILE B 256 -9.84 -11.79 14.97
C ILE B 256 -8.70 -12.81 14.65
N LEU B 257 -7.82 -12.49 13.69
CA LEU B 257 -6.67 -13.37 13.42
C LEU B 257 -5.86 -13.70 14.66
N ARG B 258 -5.66 -12.74 15.55
CA ARG B 258 -4.94 -13.07 16.80
C ARG B 258 -5.73 -13.99 17.75
N SER B 259 -7.05 -13.80 17.90
CA SER B 259 -7.87 -14.69 18.75
C SER B 259 -7.81 -16.18 18.31
N ILE B 260 -7.88 -16.47 17.01
CA ILE B 260 -7.67 -17.84 16.53
C ILE B 260 -6.17 -18.19 16.44
N ASP B 261 -5.32 -17.35 16.98
CA ASP B 261 -3.86 -17.58 16.93
C ASP B 261 -3.29 -17.67 15.51
N ALA B 262 -3.73 -16.77 14.64
CA ALA B 262 -3.18 -16.72 13.30
C ALA B 262 -2.21 -15.54 13.06
N LEU B 263 -1.92 -14.79 14.13
CA LEU B 263 -0.96 -13.68 14.13
C LEU B 263 -0.15 -13.68 15.41
N PRO B 264 1.13 -13.26 15.34
CA PRO B 264 1.88 -13.13 16.59
C PRO B 264 1.44 -11.89 17.37
N PRO B 265 1.73 -11.83 18.67
CA PRO B 265 1.37 -10.58 19.36
C PRO B 265 2.33 -9.43 19.09
N ASN B 266 2.08 -8.32 19.77
CA ASN B 266 3.07 -7.24 19.94
C ASN B 266 2.94 -6.58 21.32
N VAL C 25 35.14 -0.29 -5.41
CA VAL C 25 35.07 -0.98 -4.07
C VAL C 25 35.70 -0.19 -2.95
N VAL C 26 34.88 0.09 -1.94
CA VAL C 26 35.22 0.93 -0.81
C VAL C 26 35.48 -0.05 0.31
N ILE C 27 36.48 0.26 1.13
CA ILE C 27 36.82 -0.53 2.27
C ILE C 27 36.27 0.24 3.42
N ARG C 28 35.50 -0.45 4.25
CA ARG C 28 34.93 0.16 5.43
C ARG C 28 35.64 -0.34 6.69
N SER C 29 36.68 0.39 7.09
CA SER C 29 37.46 0.11 8.29
C SER C 29 36.64 0.35 9.55
N ASP C 30 35.78 1.37 9.52
CA ASP C 30 34.84 1.60 10.61
C ASP C 30 33.84 0.46 10.84
N TRP C 31 33.78 -0.50 9.94
CA TRP C 31 32.94 -1.68 10.13
C TRP C 31 33.45 -2.76 11.11
N LYS C 32 34.73 -2.66 11.49
CA LYS C 32 35.37 -3.62 12.41
C LYS C 32 34.69 -3.69 13.78
N LYS C 33 34.33 -2.52 14.31
CA LYS C 33 33.65 -2.44 15.61
C LYS C 33 32.48 -3.43 15.76
N PHE C 34 31.71 -3.63 14.69
CA PHE C 34 30.53 -4.51 14.73
C PHE C 34 30.92 -5.95 14.99
N PHE C 35 31.95 -6.42 14.27
CA PHE C 35 32.56 -7.73 14.52
C PHE C 35 33.24 -7.80 15.88
N SER C 36 34.12 -6.83 16.16
CA SER C 36 34.91 -6.85 17.39
C SER C 36 34.10 -6.69 18.69
N ASP C 37 32.93 -6.07 18.59
CA ASP C 37 31.99 -5.93 19.73
C ASP C 37 31.37 -7.30 20.11
N LEU C 38 31.30 -8.22 19.15
CA LEU C 38 30.87 -9.57 19.47
C LEU C 38 32.03 -10.57 19.50
N GLN C 39 33.26 -10.03 19.58
CA GLN C 39 34.53 -10.79 19.54
C GLN C 39 34.62 -11.76 18.36
N ALA C 40 34.06 -11.37 17.20
CA ALA C 40 34.05 -12.22 15.99
C ALA C 40 35.17 -11.89 15.00
N GLU C 41 35.48 -12.85 14.13
CA GLU C 41 36.44 -12.64 13.04
C GLU C 41 35.67 -12.92 11.80
N GLY C 42 35.55 -11.94 10.92
CA GLY C 42 34.91 -12.20 9.65
C GLY C 42 35.06 -11.15 8.57
N ALA C 43 34.26 -11.32 7.53
CA ALA C 43 34.20 -10.38 6.43
C ALA C 43 32.73 -10.15 6.04
N ILE C 44 32.41 -8.91 5.67
CA ILE C 44 31.12 -8.61 4.98
C ILE C 44 31.30 -7.83 3.64
N VAL C 45 30.51 -8.21 2.64
CA VAL C 45 30.32 -7.47 1.41
C VAL C 45 28.83 -6.99 1.37
N ILE C 46 28.66 -5.67 1.14
CA ILE C 46 27.36 -5.00 1.05
C ILE C 46 27.31 -4.26 -0.29
N ALA C 47 26.47 -4.73 -1.21
CA ALA C 47 26.14 -3.99 -2.44
C ALA C 47 24.83 -3.18 -2.25
N ASP C 48 24.95 -1.90 -1.85
CA ASP C 48 23.79 -1.00 -1.80
C ASP C 48 23.36 -0.60 -3.19
N GLU C 49 22.23 -1.09 -3.68
CA GLU C 49 21.81 -0.70 -5.01
C GLU C 49 20.56 0.20 -5.04
N ARG C 50 20.39 0.98 -3.97
CA ARG C 50 19.22 1.83 -3.83
C ARG C 50 19.22 3.07 -4.75
N GLN C 51 20.38 3.50 -5.24
CA GLN C 51 20.41 4.68 -6.16
C GLN C 51 20.97 4.32 -7.52
N ALA C 52 21.03 5.31 -8.40
CA ALA C 52 21.69 5.17 -9.72
C ALA C 52 23.15 4.70 -9.60
N LYS C 53 23.87 5.31 -8.65
CA LYS C 53 25.23 4.89 -8.28
C LYS C 53 25.18 3.81 -7.23
N HIS C 54 25.25 2.58 -7.71
CA HIS C 54 25.43 1.43 -6.87
C HIS C 54 26.79 1.51 -6.20
N THR C 55 26.82 1.18 -4.90
CA THR C 55 28.08 1.06 -4.18
C THR C 55 28.36 -0.40 -3.71
N LEU C 56 29.66 -0.71 -3.66
CA LEU C 56 30.15 -2.00 -3.19
C LEU C 56 31.16 -1.69 -2.12
N SER C 57 30.78 -2.05 -0.90
CA SER C 57 31.56 -1.81 0.28
C SER C 57 31.96 -3.12 0.94
N VAL C 58 33.09 -3.07 1.63
CA VAL C 58 33.67 -4.25 2.22
C VAL C 58 34.35 -4.04 3.54
N PHE C 59 34.31 -5.10 4.33
CA PHE C 59 35.19 -5.30 5.43
C PHE C 59 36.01 -6.55 5.19
N ASP C 60 37.33 -6.44 5.33
CA ASP C 60 38.30 -7.51 5.02
C ASP C 60 38.31 -7.96 3.57
N GLN C 61 38.91 -7.15 2.70
CA GLN C 61 38.82 -7.46 1.28
C GLN C 61 39.28 -8.88 0.93
N GLU C 62 40.46 -9.31 1.40
CA GLU C 62 40.97 -10.64 0.93
C GLU C 62 40.23 -11.82 1.50
N ARG C 63 39.65 -11.65 2.67
CA ARG C 63 38.75 -12.62 3.26
C ARG C 63 37.45 -12.74 2.51
N ALA C 64 36.93 -11.60 2.08
CA ALA C 64 35.72 -11.49 1.28
C ALA C 64 35.90 -12.19 -0.07
N ALA C 65 37.08 -12.03 -0.63
CA ALA C 65 37.63 -12.73 -1.79
C ALA C 65 37.85 -14.25 -1.64
N LYS C 66 38.24 -14.66 -0.45
CA LYS C 66 38.47 -16.04 -0.13
C LYS C 66 37.23 -16.93 -0.20
N ARG C 67 37.39 -18.05 -0.88
CA ARG C 67 36.35 -19.10 -1.04
C ARG C 67 36.27 -20.04 0.17
N TYR C 68 35.06 -20.11 0.74
CA TYR C 68 34.73 -21.04 1.80
C TYR C 68 33.65 -21.98 1.29
N SER C 69 33.49 -23.09 1.99
CA SER C 69 32.38 -23.99 1.73
C SER C 69 31.04 -23.24 1.94
N PRO C 70 30.11 -23.38 1.00
CA PRO C 70 28.80 -22.74 1.05
C PRO C 70 27.90 -23.18 2.18
N ALA C 71 27.96 -24.44 2.51
CA ALA C 71 27.15 -25.01 3.55
C ALA C 71 25.67 -24.88 3.23
N SER C 72 24.89 -24.47 4.19
CA SER C 72 23.47 -24.37 4.01
C SER C 72 23.07 -23.34 2.99
N THR C 73 23.84 -22.29 2.86
CA THR C 73 23.53 -21.22 1.89
C THR C 73 23.42 -21.80 0.49
N PHE C 74 23.98 -23.00 0.30
CA PHE C 74 23.86 -23.71 -0.97
C PHE C 74 22.41 -24.20 -1.27
N ILE C 76 19.90 -22.26 -1.49
CA ILE C 76 19.46 -21.30 -2.52
C ILE C 76 19.64 -21.85 -3.94
N PRO C 77 20.91 -22.04 -4.43
CA PRO C 77 21.03 -22.68 -5.77
C PRO C 77 20.58 -24.14 -5.80
N HIS C 78 20.71 -24.86 -4.69
CA HIS C 78 20.33 -26.29 -4.65
C HIS C 78 18.84 -26.52 -4.98
N THR C 79 18.00 -25.60 -4.53
CA THR C 79 16.56 -25.65 -4.77
C THR C 79 16.30 -25.45 -6.26
N LEU C 80 17.05 -24.56 -6.89
CA LEU C 80 16.88 -24.30 -8.31
C LEU C 80 17.16 -25.57 -9.13
N PHE C 81 18.32 -26.22 -8.87
CA PHE C 81 18.68 -27.47 -9.55
C PHE C 81 17.60 -28.53 -9.29
N ALA C 82 17.18 -28.67 -8.02
CA ALA C 82 16.06 -29.55 -7.63
C ALA C 82 14.74 -29.30 -8.39
N LEU C 83 14.27 -28.06 -8.40
CA LEU C 83 13.11 -27.69 -9.22
C LEU C 83 13.33 -27.96 -10.69
N ASP C 84 14.55 -27.77 -11.17
CA ASP C 84 14.75 -27.94 -12.58
C ASP C 84 14.83 -29.42 -12.96
N ALA C 85 15.48 -30.22 -12.09
CA ALA C 85 15.61 -31.67 -12.31
C ALA C 85 14.27 -32.39 -12.10
N ASP C 86 13.29 -31.64 -11.57
CA ASP C 86 12.01 -32.17 -11.17
C ASP C 86 12.24 -33.22 -10.08
N ALA C 87 13.20 -32.92 -9.21
CA ALA C 87 13.39 -33.67 -7.99
C ALA C 87 12.39 -33.17 -6.94
N VAL C 88 11.88 -31.96 -7.15
CA VAL C 88 10.79 -31.39 -6.37
C VAL C 88 9.89 -30.64 -7.35
N ARG C 89 8.57 -30.74 -7.13
CA ARG C 89 7.55 -30.14 -8.02
C ARG C 89 7.26 -28.67 -7.68
N ASP C 90 6.96 -28.42 -6.41
CA ASP C 90 6.53 -27.11 -5.92
C ASP C 90 6.65 -27.03 -4.40
N GLU C 91 5.98 -26.03 -3.81
CA GLU C 91 5.95 -25.79 -2.36
C GLU C 91 5.03 -26.74 -1.61
N PHE C 92 4.16 -27.44 -2.34
CA PHE C 92 3.19 -28.34 -1.74
C PHE C 92 3.68 -29.80 -1.57
N GLN C 93 4.62 -30.25 -2.41
CA GLN C 93 5.20 -31.59 -2.30
C GLN C 93 5.86 -31.82 -0.94
N VAL C 94 5.30 -32.75 -0.17
CA VAL C 94 5.83 -33.11 1.14
C VAL C 94 6.82 -34.25 1.00
N PHE C 95 7.90 -34.19 1.76
CA PHE C 95 8.90 -35.26 1.83
C PHE C 95 8.81 -35.89 3.22
N ARG C 96 8.44 -37.17 3.22
CA ARG C 96 8.17 -37.95 4.42
C ARG C 96 9.49 -38.21 5.13
N TRP C 97 9.49 -37.95 6.44
CA TRP C 97 10.69 -37.97 7.25
C TRP C 97 11.39 -39.34 7.29
N VAL C 100 13.31 -41.93 13.42
CA VAL C 100 14.40 -41.74 12.47
C VAL C 100 15.36 -40.62 12.93
N ASN C 101 15.37 -40.39 14.24
CA ASN C 101 16.02 -39.22 14.93
C ASN C 101 17.35 -38.63 14.44
N ARG C 102 17.40 -37.30 14.52
CA ARG C 102 18.56 -36.48 14.19
C ARG C 102 18.64 -35.33 15.22
N SER C 103 19.76 -34.60 15.23
CA SER C 103 20.06 -33.65 16.32
C SER C 103 19.17 -32.39 16.48
N PHE C 104 18.74 -31.78 15.39
CA PHE C 104 17.82 -30.61 15.47
C PHE C 104 16.32 -30.99 15.36
N ALA C 105 15.55 -30.61 16.39
CA ALA C 105 14.13 -31.00 16.53
C ALA C 105 13.16 -30.32 15.53
N GLY C 106 13.70 -29.69 14.49
CA GLY C 106 12.90 -29.15 13.39
C GLY C 106 13.04 -30.04 12.17
N HIS C 107 14.05 -30.94 12.21
CA HIS C 107 14.30 -31.95 11.17
C HIS C 107 13.48 -33.22 11.44
N ASN C 108 13.03 -33.36 12.69
CA ASN C 108 12.24 -34.50 13.18
C ASN C 108 10.74 -34.36 12.89
N GLN C 109 10.41 -34.30 11.59
CA GLN C 109 9.12 -33.84 11.11
C GLN C 109 9.13 -34.11 9.63
N ASP C 110 7.94 -34.21 9.03
CA ASP C 110 7.83 -34.19 7.57
C ASP C 110 8.26 -32.80 7.08
N GLN C 111 8.82 -32.73 5.88
CA GLN C 111 9.38 -31.46 5.45
C GLN C 111 8.75 -30.87 4.22
N ASP C 112 8.61 -29.56 4.30
CA ASP C 112 8.25 -28.68 3.22
C ASP C 112 9.54 -28.14 2.65
N LEU C 113 9.50 -27.75 1.38
CA LEU C 113 10.48 -26.78 0.83
C LEU C 113 10.63 -25.54 1.78
N ARG C 114 9.51 -25.00 2.26
CA ARG C 114 9.51 -23.92 3.26
C ARG C 114 10.10 -24.27 4.62
N SER C 115 9.70 -25.39 5.22
CA SER C 115 10.35 -25.83 6.47
C SER C 115 11.85 -26.17 6.25
N ALA C 116 12.14 -26.84 5.13
CA ALA C 116 13.49 -27.28 4.76
C ALA C 116 14.48 -26.11 4.66
N MET C 117 14.10 -25.06 3.93
CA MET C 117 14.84 -23.78 3.91
C MET C 117 14.95 -23.10 5.28
N ARG C 118 13.84 -23.03 6.00
CA ARG C 118 13.76 -22.30 7.27
C ARG C 118 14.51 -22.98 8.38
N ASN C 119 14.62 -24.30 8.30
CA ASN C 119 15.12 -25.11 9.41
C ASN C 119 16.44 -25.73 9.04
N SER C 120 16.77 -25.66 7.75
CA SER C 120 18.08 -26.05 7.22
C SER C 120 18.20 -27.58 7.31
N THR C 121 17.14 -28.22 6.83
CA THR C 121 16.93 -29.66 6.95
C THR C 121 17.77 -30.32 5.86
N VAL C 122 19.00 -30.65 6.20
CA VAL C 122 19.92 -31.11 5.16
C VAL C 122 19.56 -32.46 4.51
N TRP C 123 18.84 -33.34 5.22
CA TRP C 123 18.43 -34.64 4.66
C TRP C 123 17.49 -34.54 3.43
N VAL C 124 16.62 -33.53 3.43
CA VAL C 124 15.74 -33.28 2.28
C VAL C 124 16.60 -32.96 1.10
N TYR C 125 17.64 -32.18 1.35
CA TYR C 125 18.58 -31.79 0.29
C TYR C 125 19.54 -32.94 -0.08
N GLU C 126 19.86 -33.79 0.91
CA GLU C 126 20.60 -35.03 0.67
C GLU C 126 19.86 -35.87 -0.38
N LEU C 127 18.54 -35.95 -0.24
CA LEU C 127 17.66 -36.60 -1.23
C LEU C 127 17.67 -35.99 -2.64
N PHE C 128 17.67 -34.65 -2.75
CA PHE C 128 17.81 -33.96 -4.08
C PHE C 128 19.17 -34.20 -4.71
N ALA C 129 20.21 -34.21 -3.88
CA ALA C 129 21.57 -34.56 -4.33
C ALA C 129 21.60 -35.95 -4.97
N LYS C 130 21.09 -36.95 -4.24
CA LYS C 130 20.98 -38.34 -4.73
C LYS C 130 20.21 -38.44 -6.04
N ASP C 131 19.10 -37.69 -6.11
CA ASP C 131 18.22 -37.68 -7.27
C ASP C 131 18.85 -36.94 -8.47
N ILE C 132 19.52 -35.82 -8.24
CA ILE C 132 20.15 -35.10 -9.35
C ILE C 132 21.39 -35.86 -9.84
N GLY C 133 22.30 -36.15 -8.91
CA GLY C 133 23.53 -36.86 -9.25
C GLY C 133 24.68 -35.89 -9.35
N GLU C 134 25.89 -36.41 -9.60
CA GLU C 134 27.06 -35.55 -9.65
C GLU C 134 27.34 -35.07 -11.05
N ASP C 135 26.88 -35.81 -12.04
CA ASP C 135 26.98 -35.39 -13.44
C ASP C 135 26.22 -34.11 -13.64
N LYS C 136 24.88 -34.19 -13.48
CA LYS C 136 23.95 -33.06 -13.60
C LYS C 136 24.28 -31.89 -12.66
N ALA C 137 24.81 -32.18 -11.47
CA ALA C 137 25.18 -31.14 -10.52
C ALA C 137 26.29 -30.22 -11.03
N ARG C 138 27.37 -30.84 -11.52
CA ARG C 138 28.55 -30.14 -12.07
C ARG C 138 28.14 -29.32 -13.28
N ARG C 139 27.13 -29.80 -14.00
CA ARG C 139 26.65 -29.16 -15.21
C ARG C 139 25.71 -27.98 -14.91
N TYR C 140 24.91 -28.11 -13.86
CA TYR C 140 24.13 -27.00 -13.31
C TYR C 140 25.07 -25.94 -12.74
N LEU C 141 26.07 -26.39 -11.96
CA LEU C 141 27.00 -25.50 -11.26
C LEU C 141 27.82 -24.60 -12.17
N LYS C 142 28.11 -25.07 -13.39
CA LYS C 142 28.88 -24.32 -14.38
C LYS C 142 27.99 -23.40 -15.23
N GLN C 143 26.70 -23.74 -15.30
CA GLN C 143 25.68 -22.88 -15.89
C GLN C 143 25.58 -21.59 -15.05
N ILE C 144 25.66 -21.75 -13.74
CA ILE C 144 25.48 -20.64 -12.81
C ILE C 144 26.80 -20.13 -12.27
N ASP C 145 27.89 -20.52 -12.94
CA ASP C 145 29.23 -20.02 -12.62
C ASP C 145 29.40 -19.78 -11.10
N TYR C 146 29.10 -20.82 -10.31
CA TYR C 146 29.05 -20.75 -8.85
C TYR C 146 30.33 -21.26 -8.17
N GLY C 147 31.16 -20.35 -7.65
CA GLY C 147 32.45 -20.73 -7.09
C GLY C 147 33.27 -21.52 -8.10
N ASN C 148 33.37 -22.83 -7.91
CA ASN C 148 33.76 -23.75 -9.00
C ASN C 148 32.63 -24.71 -9.43
N ASP C 157 27.99 -35.13 -0.01
CA ASP C 157 27.67 -33.96 0.80
C ASP C 157 28.58 -32.81 0.40
N TYR C 158 28.74 -32.62 -0.90
CA TYR C 158 29.81 -31.79 -1.50
C TYR C 158 29.79 -30.27 -1.22
N TRP C 159 28.74 -29.79 -0.56
CA TRP C 159 28.63 -28.38 -0.23
C TRP C 159 29.03 -28.11 1.21
N ILE C 160 29.11 -29.16 2.04
CA ILE C 160 29.69 -29.02 3.38
C ILE C 160 31.05 -29.73 3.46
N ASP C 161 31.12 -30.94 2.90
CA ASP C 161 32.28 -31.82 3.01
C ASP C 161 33.07 -32.00 1.72
N GLY C 162 32.51 -31.58 0.59
CA GLY C 162 33.20 -31.69 -0.67
C GLY C 162 34.16 -30.54 -0.93
N ASN C 163 34.46 -30.35 -2.21
CA ASN C 163 35.43 -29.39 -2.71
C ASN C 163 34.81 -28.04 -3.08
N LEU C 164 33.50 -28.04 -3.41
CA LEU C 164 32.75 -26.78 -3.68
C LEU C 164 32.97 -25.69 -2.61
N LYS C 165 33.41 -24.53 -3.10
CA LYS C 165 33.71 -23.37 -2.25
C LYS C 165 33.38 -22.10 -3.02
N ILE C 166 32.87 -21.12 -2.29
CA ILE C 166 32.52 -19.81 -2.86
C ILE C 166 32.93 -18.70 -1.87
N SER C 167 33.39 -17.55 -2.39
CA SER C 167 33.65 -16.38 -1.53
C SER C 167 32.41 -15.48 -1.33
N ALA C 168 32.41 -14.64 -0.29
CA ALA C 168 31.45 -13.52 -0.13
C ALA C 168 31.17 -12.65 -1.39
N HIS C 169 32.20 -12.31 -2.15
CA HIS C 169 32.03 -11.55 -3.37
C HIS C 169 31.27 -12.33 -4.43
N GLU C 170 31.53 -13.64 -4.50
CA GLU C 170 30.89 -14.48 -5.48
C GLU C 170 29.49 -14.87 -5.06
N GLN C 171 29.21 -14.75 -3.77
CA GLN C 171 27.86 -14.91 -3.24
C GLN C 171 27.04 -13.69 -3.75
N ILE C 172 27.48 -12.47 -3.45
CA ILE C 172 26.88 -11.25 -3.97
C ILE C 172 26.50 -11.35 -5.48
N LEU C 173 27.44 -11.71 -6.34
CA LEU C 173 27.18 -11.79 -7.78
C LEU C 173 26.14 -12.84 -8.14
N PHE C 174 26.11 -13.93 -7.38
CA PHE C 174 25.08 -14.96 -7.57
C PHE C 174 23.70 -14.48 -7.14
N LEU C 175 23.62 -13.95 -5.93
CA LEU C 175 22.38 -13.41 -5.39
C LEU C 175 21.76 -12.34 -6.34
N ARG C 176 22.61 -11.46 -6.86
CA ARG C 176 22.15 -10.37 -7.72
C ARG C 176 21.55 -10.89 -9.02
N LYS C 177 22.07 -12.02 -9.51
CA LYS C 177 21.59 -12.62 -10.74
C LYS C 177 20.21 -13.25 -10.48
N LEU C 178 20.08 -13.92 -9.34
CA LEU C 178 18.80 -14.44 -8.89
C LEU C 178 17.76 -13.28 -8.75
N TYR C 179 18.15 -12.20 -8.09
CA TYR C 179 17.31 -11.00 -8.03
C TYR C 179 16.77 -10.49 -9.40
N ARG C 180 17.61 -10.48 -10.44
CA ARG C 180 17.23 -9.94 -11.76
C ARG C 180 16.64 -10.96 -12.68
N ASN C 181 16.37 -12.15 -12.15
CA ASN C 181 15.90 -13.33 -12.91
C ASN C 181 16.87 -13.74 -14.02
N GLN C 182 18.17 -13.56 -13.79
CA GLN C 182 19.16 -13.74 -14.87
C GLN C 182 19.70 -15.17 -14.97
N LEU C 183 19.41 -16.01 -13.98
CA LEU C 183 19.90 -17.39 -13.96
C LEU C 183 19.25 -18.27 -15.06
N PRO C 184 19.97 -19.34 -15.49
CA PRO C 184 19.50 -20.14 -16.64
C PRO C 184 18.43 -21.14 -16.19
N PHE C 185 17.36 -20.60 -15.63
CA PHE C 185 16.27 -21.40 -15.05
C PHE C 185 14.93 -20.80 -15.44
N LYS C 186 13.86 -21.56 -15.24
CA LYS C 186 12.52 -21.01 -15.42
C LYS C 186 12.32 -19.87 -14.41
N VAL C 187 11.77 -18.75 -14.89
CA VAL C 187 11.54 -17.60 -14.00
C VAL C 187 10.64 -17.97 -12.79
N GLU C 188 9.66 -18.86 -13.02
CA GLU C 188 8.82 -19.40 -11.92
C GLU C 188 9.60 -20.13 -10.81
N HIS C 189 10.65 -20.85 -11.20
CA HIS C 189 11.55 -21.48 -10.19
C HIS C 189 12.40 -20.42 -9.45
N GLN C 190 12.93 -19.43 -10.17
CA GLN C 190 13.67 -18.33 -9.51
C GLN C 190 12.77 -17.58 -8.52
N ARG C 191 11.56 -17.23 -8.96
CA ARG C 191 10.54 -16.60 -8.08
C ARG C 191 10.18 -17.41 -6.84
N LEU C 192 10.00 -18.70 -7.00
CA LEU C 192 9.79 -19.62 -5.86
C LEU C 192 10.94 -19.65 -4.85
N VAL C 193 12.17 -19.72 -5.35
CA VAL C 193 13.36 -19.67 -4.45
C VAL C 193 13.49 -18.31 -3.72
N LYS C 194 13.27 -17.22 -4.46
CA LYS C 194 13.29 -15.88 -3.83
C LYS C 194 12.21 -15.76 -2.73
N ASP C 195 11.02 -16.29 -3.05
CA ASP C 195 9.93 -16.42 -2.07
C ASP C 195 10.36 -17.27 -0.84
N LEU C 196 10.88 -18.47 -1.13
CA LEU C 196 11.36 -19.41 -0.08
C LEU C 196 12.43 -18.88 0.90
N MET C 197 13.27 -17.93 0.43
CA MET C 197 14.30 -17.25 1.21
C MET C 197 13.77 -16.12 2.11
N ILE C 198 12.49 -15.77 2.02
CA ILE C 198 11.95 -14.66 2.88
C ILE C 198 12.05 -14.95 4.39
N THR C 199 12.56 -13.99 5.17
CA THR C 199 12.79 -14.21 6.60
C THR C 199 12.18 -13.12 7.48
N GLU C 200 11.79 -12.01 6.87
CA GLU C 200 11.21 -10.88 7.58
C GLU C 200 10.80 -9.90 6.53
N ALA C 201 9.79 -9.08 6.85
CA ALA C 201 9.28 -8.04 5.95
C ALA C 201 8.47 -7.00 6.71
N GLY C 202 8.53 -5.78 6.20
CA GLY C 202 7.72 -4.66 6.67
C GLY C 202 6.93 -4.16 5.49
N ARG C 203 6.27 -3.04 5.70
CA ARG C 203 5.39 -2.47 4.65
C ARG C 203 6.19 -2.08 3.40
N SER C 204 7.40 -1.56 3.64
CA SER C 204 8.32 -1.08 2.61
C SER C 204 9.54 -1.96 2.33
N TRP C 205 9.65 -3.14 2.94
CA TRP C 205 10.90 -3.88 2.86
C TRP C 205 10.77 -5.36 3.09
N ILE C 206 11.56 -6.12 2.35
CA ILE C 206 11.51 -7.57 2.33
C ILE C 206 12.93 -8.12 2.43
N LEU C 207 13.23 -8.71 3.59
CA LEU C 207 14.52 -9.42 3.85
C LEU C 207 14.45 -10.84 3.31
N ARG C 208 15.27 -11.11 2.30
CA ARG C 208 15.42 -12.45 1.74
C ARG C 208 16.82 -12.88 2.06
N ALA C 209 16.97 -13.95 2.85
CA ALA C 209 18.27 -14.37 3.38
C ALA C 209 18.37 -15.87 3.74
N LYS C 210 19.60 -16.35 3.97
CA LYS C 210 19.87 -17.76 4.30
C LYS C 210 21.16 -17.86 5.06
N THR C 211 21.08 -18.39 6.29
CA THR C 211 22.26 -18.85 7.06
C THR C 211 23.00 -20.08 6.44
N GLY C 212 24.26 -20.22 6.81
CA GLY C 212 25.04 -21.40 6.47
C GLY C 212 25.92 -21.69 7.69
N TRP C 213 26.31 -22.94 7.85
CA TRP C 213 27.26 -23.29 8.88
C TRP C 213 28.10 -24.52 8.64
N GLU C 214 29.33 -24.38 8.16
CA GLU C 214 30.24 -25.50 8.00
C GLU C 214 30.72 -26.26 9.24
N GLY C 215 31.14 -25.50 10.24
CA GLY C 215 31.55 -25.99 11.53
C GLY C 215 32.46 -24.94 12.13
N ARG C 216 33.57 -24.80 11.47
CA ARG C 216 34.56 -23.79 11.74
C ARG C 216 34.12 -22.33 11.48
N PHE C 217 33.34 -22.13 10.42
CA PHE C 217 32.83 -20.84 10.00
C PHE C 217 31.32 -20.88 9.60
N GLY C 218 30.64 -19.74 9.63
CA GLY C 218 29.26 -19.64 9.16
C GLY C 218 28.96 -18.42 8.30
N TRP C 219 27.90 -18.55 7.49
CA TRP C 219 27.41 -17.52 6.63
C TRP C 219 26.09 -16.89 7.08
N TRP C 220 25.89 -15.64 6.67
CA TRP C 220 24.54 -15.09 6.44
C TRP C 220 24.59 -14.32 5.14
N VAL C 221 23.87 -14.82 4.14
CA VAL C 221 23.78 -14.16 2.84
C VAL C 221 22.33 -13.82 2.42
N GLY C 222 22.17 -12.85 1.49
CA GLY C 222 20.87 -12.45 0.90
C GLY C 222 20.79 -10.96 0.56
N TRP C 223 19.59 -10.39 0.71
CA TRP C 223 19.32 -8.94 0.47
C TRP C 223 18.03 -8.40 1.09
N ILE C 224 18.02 -7.10 1.39
CA ILE C 224 16.81 -6.30 1.72
C ILE C 224 16.36 -5.44 0.52
N GLU C 225 15.13 -5.68 0.07
CA GLU C 225 14.55 -4.94 -1.03
C GLU C 225 13.80 -3.76 -0.43
N TRP C 226 14.18 -2.54 -0.84
CA TRP C 226 13.46 -1.32 -0.47
C TRP C 226 12.80 -0.82 -1.74
N PRO C 227 11.94 0.22 -1.62
CA PRO C 227 11.25 0.73 -2.87
C PRO C 227 12.21 1.09 -4.07
N THR C 228 13.37 1.68 -3.72
CA THR C 228 14.33 2.14 -4.74
C THR C 228 15.33 1.07 -5.20
N GLY C 229 15.39 -0.06 -4.52
CA GLY C 229 16.27 -1.15 -4.96
C GLY C 229 16.78 -1.96 -3.79
N PRO C 230 17.67 -2.91 -4.07
CA PRO C 230 18.14 -3.87 -3.06
C PRO C 230 19.48 -3.50 -2.44
N VAL C 231 19.61 -3.80 -1.15
CA VAL C 231 20.88 -3.91 -0.45
C VAL C 231 21.26 -5.42 -0.36
N PHE C 232 22.19 -5.87 -1.21
CA PHE C 232 22.80 -7.21 -1.13
C PHE C 232 23.87 -7.31 -0.02
N PHE C 233 24.04 -8.50 0.56
CA PHE C 233 25.00 -8.74 1.66
C PHE C 233 25.46 -10.20 1.73
N ALA C 234 26.66 -10.35 2.28
CA ALA C 234 27.33 -11.64 2.36
C ALA C 234 28.40 -11.49 3.41
N LEU C 235 28.06 -11.95 4.60
CA LEU C 235 28.96 -12.03 5.73
C LEU C 235 29.40 -13.49 5.94
N ASN C 236 30.67 -13.68 6.28
CA ASN C 236 31.11 -14.94 6.90
C ASN C 236 31.96 -14.70 8.12
N ILE C 237 32.04 -15.70 8.98
CA ILE C 237 32.53 -15.54 10.33
C ILE C 237 33.15 -16.88 10.80
N ASP C 238 34.29 -16.82 11.47
CA ASP C 238 34.84 -18.03 12.13
C ASP C 238 33.88 -18.39 13.26
N THR C 239 33.61 -19.69 13.44
CA THR C 239 32.86 -20.13 14.62
C THR C 239 33.74 -21.02 15.54
N PRO C 240 34.65 -20.37 16.31
CA PRO C 240 35.49 -21.09 17.28
C PRO C 240 34.68 -21.78 18.37
N ASN C 241 33.48 -21.30 18.62
CA ASN C 241 32.66 -21.82 19.66
C ASN C 241 31.56 -22.62 19.09
N ARG C 242 31.69 -22.94 17.82
CA ARG C 242 30.67 -23.75 17.17
C ARG C 242 29.29 -23.10 17.29
N THR C 243 28.31 -23.85 17.78
CA THR C 243 26.93 -23.39 17.91
C THR C 243 26.70 -22.19 18.82
N ASP C 244 27.56 -21.93 19.78
CA ASP C 244 27.43 -20.73 20.62
C ASP C 244 27.76 -19.43 19.87
N ASP C 245 28.22 -19.57 18.64
CA ASP C 245 28.65 -18.43 17.84
C ASP C 245 27.65 -18.13 16.73
N LEU C 246 26.80 -19.12 16.46
CA LEU C 246 25.88 -19.12 15.32
C LEU C 246 25.07 -17.83 15.16
N PHE C 247 24.84 -17.15 16.28
CA PHE C 247 23.89 -16.06 16.35
C PHE C 247 24.44 -14.72 15.92
N LYS C 248 25.74 -14.53 16.13
CA LYS C 248 26.35 -13.25 15.77
C LYS C 248 26.55 -13.07 14.26
N ARG C 249 26.36 -14.15 13.49
CA ARG C 249 26.20 -14.02 12.04
C ARG C 249 25.13 -12.94 11.65
N GLU C 250 23.86 -13.22 11.94
CA GLU C 250 22.77 -12.23 11.76
C GLU C 250 23.00 -10.96 12.54
N ALA C 251 23.53 -11.06 13.76
CA ALA C 251 23.59 -9.88 14.64
C ALA C 251 24.54 -8.78 14.15
N ILE C 252 25.67 -9.18 13.57
CA ILE C 252 26.70 -8.24 13.15
C ILE C 252 26.28 -7.66 11.81
N ALA C 253 25.69 -8.48 10.97
CA ALA C 253 25.16 -8.05 9.69
C ALA C 253 23.98 -7.10 9.87
N ARG C 254 23.01 -7.47 10.73
CA ARG C 254 21.86 -6.61 11.03
C ARG C 254 22.30 -5.29 11.57
N ALA C 255 23.27 -5.28 12.47
CA ALA C 255 23.72 -4.01 13.01
C ALA C 255 24.39 -3.15 11.94
N ILE C 256 25.10 -3.77 11.00
CA ILE C 256 25.75 -3.03 9.91
C ILE C 256 24.69 -2.51 8.94
N LEU C 257 23.73 -3.37 8.58
CA LEU C 257 22.66 -2.96 7.69
C LEU C 257 21.88 -1.81 8.28
N ARG C 258 21.65 -1.84 9.60
CA ARG C 258 20.96 -0.71 10.24
C ARG C 258 21.75 0.60 10.11
N SER C 259 23.08 0.51 10.19
CA SER C 259 23.93 1.69 10.28
C SER C 259 23.95 2.47 8.97
N ILE C 260 23.63 1.78 7.88
CA ILE C 260 23.49 2.39 6.56
C ILE C 260 22.00 2.51 6.11
N ASP C 261 21.09 2.38 7.09
CA ASP C 261 19.63 2.49 6.92
C ASP C 261 19.07 1.52 5.89
N ALA C 262 19.42 0.25 6.05
CA ALA C 262 18.99 -0.80 5.13
C ALA C 262 18.15 -1.81 5.91
N LEU C 263 18.00 -1.53 7.20
CA LEU C 263 17.11 -2.26 8.06
C LEU C 263 16.57 -1.22 8.97
N PRO C 264 15.27 -1.35 9.34
CA PRO C 264 14.72 -0.35 10.23
C PRO C 264 15.24 -0.57 11.65
N PRO C 265 15.14 0.48 12.49
CA PRO C 265 15.72 0.29 13.83
C PRO C 265 14.79 -0.52 14.76
N ASN C 266 15.16 -0.53 16.05
CA ASN C 266 14.34 -1.07 17.16
C ASN C 266 14.16 -2.60 17.24
#